data_3GGG
#
_entry.id   3GGG
#
_cell.length_a   79.431
_cell.length_b   93.691
_cell.length_c   163.656
_cell.angle_alpha   90.00
_cell.angle_beta   90.00
_cell.angle_gamma   90.00
#
_symmetry.space_group_name_H-M   'P 21 21 21'
#
loop_
_entity.id
_entity.type
_entity.pdbx_description
1 polymer 'Prephenate dehydrogenase'
2 non-polymer NICOTINAMIDE-ADENINE-DINUCLEOTIDE
3 non-polymer TYROSINE
4 water water
#
_entity_poly.entity_id   1
_entity_poly.type   'polypeptide(L)'
_entity_poly.pdbx_seq_one_letter_code
;MGSSHHHHHHSSGLVPRGSHMKNIIKILKSLSMQNVLIVGVGFMGGSFAKSLRRSGFKGKIYGYDINPESISKAVDLGII
DEGTTSIAKVEDFSPDFVMLSSPVRTFREIAKKLSYILSEDATVTDQGSVKGKLVYDLENILGKRFVGGHPIAGTEKSGV
EYSLDNLYEGKKVILTPTKKTDKKRLKLVKRVWEDVGGVVEYMSPELHDYVFGVVSHLPHAVAFALVDTLIHMSTPEVDL
FKYPGGGFKDFTRIAKSDPIMWRDIFLENKENVMKAIEGFEKSLNHLKELIVREAEEELVEYLKEVKIKRMEID
;
_entity_poly.pdbx_strand_id   D,A,B,C
#
# COMPACT_ATOMS: atom_id res chain seq x y z
N MET A 21 30.56 13.98 -15.90
CA MET A 21 30.45 15.19 -16.75
C MET A 21 28.98 15.44 -17.16
N LYS A 22 28.44 14.55 -18.00
CA LYS A 22 27.04 14.66 -18.41
C LYS A 22 26.03 14.34 -17.29
N ASN A 23 26.50 13.76 -16.19
CA ASN A 23 25.63 13.25 -15.10
C ASN A 23 24.87 14.33 -14.38
N ILE A 24 25.32 15.56 -14.60
CA ILE A 24 24.78 16.81 -14.02
C ILE A 24 23.35 17.13 -14.46
N ILE A 25 22.63 16.13 -14.96
CA ILE A 25 21.19 16.21 -14.92
C ILE A 25 20.81 16.41 -13.44
N LYS A 26 21.60 15.81 -12.55
CA LYS A 26 21.33 15.83 -11.11
C LYS A 26 21.31 17.23 -10.49
N ILE A 27 22.32 18.06 -10.77
CA ILE A 27 22.43 19.43 -10.25
C ILE A 27 21.28 20.34 -10.73
N LEU A 28 21.05 20.38 -12.05
CA LEU A 28 19.88 21.08 -12.59
C LEU A 28 18.67 20.72 -11.76
N LYS A 29 18.48 19.42 -11.52
CA LYS A 29 17.32 18.92 -10.77
C LYS A 29 17.25 19.54 -9.36
N SER A 30 18.38 19.59 -8.66
CA SER A 30 18.39 20.13 -7.31
C SER A 30 18.14 21.67 -7.29
N LEU A 31 18.62 22.36 -8.33
CA LEU A 31 18.48 23.80 -8.48
C LEU A 31 17.13 24.22 -9.06
N SER A 32 16.42 23.28 -9.67
CA SER A 32 15.14 23.61 -10.33
C SER A 32 14.03 24.04 -9.36
N MET A 33 14.19 23.65 -8.09
CA MET A 33 13.15 23.84 -7.07
C MET A 33 13.78 23.72 -5.67
N GLN A 34 13.86 24.82 -4.93
CA GLN A 34 14.66 24.85 -3.68
C GLN A 34 13.87 25.31 -2.46
N ASN A 35 12.86 26.14 -2.68
CA ASN A 35 12.04 26.67 -1.62
C ASN A 35 10.61 26.57 -2.04
N VAL A 36 9.89 25.71 -1.33
CA VAL A 36 8.59 25.30 -1.74
C VAL A 36 7.70 25.91 -0.69
N LEU A 37 6.59 26.50 -1.17
CA LEU A 37 5.57 27.08 -0.34
C LEU A 37 4.30 26.29 -0.50
N ILE A 38 3.83 25.78 0.62
CA ILE A 38 2.50 25.20 0.68
C ILE A 38 1.54 26.32 1.07
N VAL A 39 0.62 26.69 0.17
CA VAL A 39 -0.45 27.63 0.52
C VAL A 39 -1.66 26.83 0.93
N GLY A 40 -2.13 26.95 2.14
CA GLY A 40 -3.24 26.12 2.57
C GLY A 40 -2.68 24.80 3.14
N VAL A 41 -2.35 24.83 4.43
CA VAL A 41 -1.64 23.72 5.04
C VAL A 41 -2.67 22.81 5.71
N GLY A 42 -3.44 22.13 4.85
CA GLY A 42 -4.47 21.19 5.30
C GLY A 42 -4.10 19.76 4.90
N PHE A 43 -5.11 18.95 4.61
CA PHE A 43 -4.93 17.55 4.26
C PHE A 43 -4.14 17.45 2.98
N MET A 44 -4.54 18.26 1.96
CA MET A 44 -3.96 18.06 0.64
C MET A 44 -2.60 18.73 0.63
N GLY A 45 -2.54 19.96 1.12
CA GLY A 45 -1.30 20.68 1.29
C GLY A 45 -0.27 19.81 2.06
N GLY A 46 -0.69 19.21 3.17
CA GLY A 46 0.22 18.38 3.98
C GLY A 46 0.56 17.06 3.33
N SER A 47 -0.37 16.44 2.59
CA SER A 47 -0.07 15.16 1.88
C SER A 47 0.97 15.48 0.82
N PHE A 48 0.77 16.63 0.13
CA PHE A 48 1.78 17.01 -0.87
C PHE A 48 3.16 17.24 -0.20
N ALA A 49 3.19 18.05 0.87
CA ALA A 49 4.47 18.31 1.60
C ALA A 49 5.13 16.99 2.00
N LYS A 50 4.37 16.09 2.55
CA LYS A 50 4.89 14.81 3.02
C LYS A 50 5.37 13.95 1.86
N SER A 51 4.56 13.84 0.82
CA SER A 51 4.96 13.05 -0.36
C SER A 51 6.21 13.63 -1.06
N LEU A 52 6.26 14.97 -1.19
CA LEU A 52 7.47 15.68 -1.63
C LEU A 52 8.74 15.30 -0.80
N ARG A 53 8.68 15.44 0.52
CA ARG A 53 9.79 14.93 1.38
C ARG A 53 10.09 13.44 1.12
N ARG A 54 9.08 12.57 1.14
CA ARG A 54 9.30 11.10 0.97
C ARG A 54 9.96 10.75 -0.38
N SER A 55 9.74 11.58 -1.40
CA SER A 55 10.44 11.35 -2.68
C SER A 55 11.90 11.82 -2.66
N GLY A 56 12.40 12.15 -1.48
CA GLY A 56 13.80 12.58 -1.33
C GLY A 56 14.07 14.05 -1.67
N PHE A 57 13.09 14.91 -1.56
CA PHE A 57 13.31 16.37 -1.74
C PHE A 57 14.00 17.02 -0.54
N LYS A 58 15.12 17.72 -0.80
CA LYS A 58 16.05 18.14 0.26
C LYS A 58 15.98 19.62 0.61
N GLY A 59 15.15 20.35 -0.13
CA GLY A 59 15.06 21.79 0.06
C GLY A 59 14.15 22.18 1.19
N LYS A 60 13.75 23.45 1.18
CA LYS A 60 12.88 23.97 2.23
C LYS A 60 11.40 23.82 1.86
N ILE A 61 10.63 23.38 2.83
CA ILE A 61 9.20 23.45 2.66
C ILE A 61 8.64 24.43 3.69
N TYR A 62 8.07 25.51 3.20
CA TYR A 62 7.38 26.52 4.00
C TYR A 62 5.83 26.43 3.87
N GLY A 63 5.12 26.90 4.90
CA GLY A 63 3.65 26.89 4.90
C GLY A 63 3.07 28.29 5.02
N TYR A 64 1.95 28.54 4.37
CA TYR A 64 1.19 29.76 4.59
C TYR A 64 -0.27 29.40 4.74
N ASP A 65 -0.89 29.94 5.78
CA ASP A 65 -2.25 29.57 6.09
C ASP A 65 -2.85 30.74 6.86
N ILE A 66 -4.17 30.94 6.79
CA ILE A 66 -4.81 31.93 7.69
C ILE A 66 -5.01 31.40 9.12
N ASN A 67 -4.91 30.07 9.28
CA ASN A 67 -5.11 29.47 10.58
C ASN A 67 -3.73 29.13 11.15
N PRO A 68 -3.32 29.81 12.23
CA PRO A 68 -2.01 29.57 12.90
C PRO A 68 -1.89 28.17 13.51
N GLU A 69 -3.00 27.47 13.67
CA GLU A 69 -2.97 26.11 14.18
C GLU A 69 -2.56 25.10 13.09
N SER A 70 -2.98 25.38 11.85
CA SER A 70 -2.57 24.65 10.67
C SER A 70 -1.05 24.69 10.57
N ILE A 71 -0.49 25.90 10.64
CA ILE A 71 0.96 26.07 10.73
C ILE A 71 1.58 25.35 11.97
N SER A 72 1.00 25.57 13.17
CA SER A 72 1.50 24.93 14.43
C SER A 72 1.59 23.40 14.34
N LYS A 73 0.51 22.75 13.92
CA LYS A 73 0.45 21.29 13.76
C LYS A 73 1.44 20.77 12.70
N ALA A 74 1.56 21.47 11.57
CA ALA A 74 2.47 21.06 10.48
C ALA A 74 3.95 21.19 10.86
N VAL A 75 4.31 22.23 11.59
CA VAL A 75 5.71 22.33 12.04
C VAL A 75 6.09 21.20 13.00
N ASP A 76 5.29 20.96 14.04
CA ASP A 76 5.67 19.93 15.04
C ASP A 76 5.58 18.48 14.54
N LEU A 77 4.71 18.26 13.57
CA LEU A 77 4.64 17.00 12.84
C LEU A 77 5.81 16.80 11.85
N GLY A 78 6.61 17.85 11.65
CA GLY A 78 7.74 17.85 10.71
C GLY A 78 7.38 17.99 9.23
N ILE A 79 6.16 18.46 8.96
CA ILE A 79 5.60 18.45 7.62
C ILE A 79 6.07 19.69 6.82
N ILE A 80 6.19 20.82 7.50
CA ILE A 80 6.88 22.00 6.98
C ILE A 80 7.95 22.40 7.97
N ASP A 81 8.93 23.17 7.51
CA ASP A 81 10.09 23.49 8.34
C ASP A 81 9.76 24.74 9.14
N GLU A 82 8.97 25.61 8.53
CA GLU A 82 8.40 26.83 9.17
C GLU A 82 7.20 27.37 8.40
N GLY A 83 6.43 28.25 9.02
CA GLY A 83 5.31 28.82 8.32
C GLY A 83 4.87 30.18 8.83
N THR A 84 3.82 30.74 8.22
CA THR A 84 3.26 32.00 8.72
C THR A 84 1.74 32.18 8.38
N THR A 85 1.08 33.07 9.10
CA THR A 85 -0.25 33.61 8.70
C THR A 85 -0.31 35.02 8.09
N SER A 86 0.82 35.74 8.06
CA SER A 86 0.94 37.05 7.34
C SER A 86 1.45 36.85 5.93
N ILE A 87 0.64 37.23 4.95
CA ILE A 87 0.99 37.04 3.53
C ILE A 87 2.31 37.77 3.19
N ALA A 88 2.47 38.99 3.69
CA ALA A 88 3.72 39.74 3.54
C ALA A 88 4.98 39.10 4.18
N LYS A 89 4.86 38.17 5.13
CA LYS A 89 6.09 37.49 5.63
C LYS A 89 6.58 36.42 4.65
N VAL A 90 5.71 36.00 3.74
CA VAL A 90 6.01 34.93 2.80
C VAL A 90 7.32 35.20 2.03
N GLU A 91 7.46 36.45 1.58
CA GLU A 91 8.64 37.05 0.94
C GLU A 91 10.00 36.71 1.53
N ASP A 92 10.04 36.59 2.86
CA ASP A 92 11.23 36.13 3.59
C ASP A 92 11.58 34.71 3.18
N PHE A 93 10.59 33.92 2.74
CA PHE A 93 10.82 32.52 2.32
C PHE A 93 11.27 32.38 0.88
N SER A 94 11.54 33.49 0.18
CA SER A 94 11.75 33.47 -1.30
C SER A 94 11.41 32.10 -2.00
N PRO A 95 10.10 31.72 -1.96
CA PRO A 95 9.70 30.48 -2.62
C PRO A 95 9.95 30.60 -4.10
N ASP A 96 10.32 29.50 -4.74
CA ASP A 96 10.44 29.45 -6.18
C ASP A 96 9.43 28.46 -6.72
N PHE A 97 8.77 27.74 -5.82
CA PHE A 97 7.74 26.73 -6.16
C PHE A 97 6.57 26.83 -5.18
N VAL A 98 5.38 27.04 -5.70
CA VAL A 98 4.24 27.22 -4.82
C VAL A 98 3.17 26.21 -5.17
N MET A 99 2.63 25.52 -4.18
CA MET A 99 1.51 24.60 -4.41
C MET A 99 0.25 25.10 -3.74
N LEU A 100 -0.69 25.65 -4.52
CA LEU A 100 -1.93 26.21 -3.97
C LEU A 100 -2.82 25.07 -3.51
N SER A 101 -3.17 25.10 -2.24
CA SER A 101 -3.86 23.92 -1.65
C SER A 101 -4.92 24.37 -0.66
N SER A 102 -5.20 25.68 -0.62
CA SER A 102 -6.34 26.21 0.07
C SER A 102 -7.64 25.87 -0.71
N PRO A 103 -8.84 26.30 -0.22
CA PRO A 103 -10.06 26.10 -1.09
C PRO A 103 -9.91 26.89 -2.36
N VAL A 104 -10.41 26.39 -3.48
CA VAL A 104 -10.28 27.11 -4.75
C VAL A 104 -10.84 28.54 -4.76
N ARG A 105 -11.84 28.83 -3.92
CA ARG A 105 -12.33 30.21 -3.84
C ARG A 105 -11.27 31.22 -3.33
N THR A 106 -10.26 30.74 -2.60
CA THR A 106 -9.21 31.67 -2.16
C THR A 106 -8.17 32.00 -3.25
N PHE A 107 -8.10 31.18 -4.30
CA PHE A 107 -6.90 31.13 -5.14
C PHE A 107 -6.69 32.47 -5.82
N ARG A 108 -7.76 33.13 -6.32
CA ARG A 108 -7.57 34.39 -7.06
C ARG A 108 -6.93 35.50 -6.16
N GLU A 109 -7.51 35.68 -4.98
CA GLU A 109 -7.09 36.71 -4.02
C GLU A 109 -5.62 36.45 -3.64
N ILE A 110 -5.30 35.20 -3.25
CA ILE A 110 -3.93 34.87 -2.86
C ILE A 110 -2.95 35.05 -4.04
N ALA A 111 -3.38 34.65 -5.20
CA ALA A 111 -2.52 34.75 -6.36
C ALA A 111 -2.25 36.23 -6.66
N LYS A 112 -3.23 37.10 -6.35
CA LYS A 112 -3.07 38.56 -6.45
C LYS A 112 -1.88 39.01 -5.59
N LYS A 113 -1.82 38.45 -4.38
CA LYS A 113 -0.80 38.85 -3.43
C LYS A 113 0.54 38.19 -3.70
N LEU A 114 0.53 37.00 -4.30
CA LEU A 114 1.80 36.33 -4.61
C LEU A 114 2.48 37.00 -5.78
N SER A 115 1.68 37.62 -6.68
CA SER A 115 2.16 38.12 -7.95
C SER A 115 3.23 39.15 -7.79
N TYR A 116 3.24 39.84 -6.66
CA TYR A 116 4.27 40.82 -6.34
C TYR A 116 5.48 40.23 -5.55
N ILE A 117 5.16 39.38 -4.58
CA ILE A 117 6.16 38.74 -3.72
C ILE A 117 7.10 37.83 -4.53
N LEU A 118 6.53 37.02 -5.41
CA LEU A 118 7.27 36.04 -6.17
C LEU A 118 8.18 36.58 -7.25
N SER A 119 9.38 36.03 -7.33
CA SER A 119 10.28 36.34 -8.41
C SER A 119 9.67 35.88 -9.72
N GLU A 120 10.04 36.55 -10.79
CA GLU A 120 9.70 36.17 -12.15
C GLU A 120 9.99 34.70 -12.48
N ASP A 121 10.94 34.07 -11.74
CA ASP A 121 11.35 32.67 -11.95
C ASP A 121 10.60 31.65 -11.07
N ALA A 122 9.63 32.12 -10.29
CA ALA A 122 8.87 31.20 -9.46
C ALA A 122 7.90 30.39 -10.32
N THR A 123 7.59 29.17 -9.86
CA THR A 123 6.51 28.42 -10.47
C THR A 123 5.36 28.29 -9.49
N VAL A 124 4.14 28.61 -9.94
CA VAL A 124 2.93 28.34 -9.13
C VAL A 124 2.04 27.27 -9.78
N THR A 125 1.58 26.35 -8.96
CA THR A 125 0.69 25.31 -9.44
C THR A 125 -0.30 25.02 -8.34
N ASP A 126 -1.23 24.10 -8.55
CA ASP A 126 -2.34 23.99 -7.61
C ASP A 126 -2.85 22.57 -7.58
N GLN A 127 -3.76 22.28 -6.65
CA GLN A 127 -4.40 20.94 -6.53
C GLN A 127 -5.89 21.09 -6.61
N GLY A 128 -6.34 22.17 -7.19
CA GLY A 128 -7.74 22.55 -7.06
C GLY A 128 -8.58 21.57 -7.82
N SER A 129 -9.73 21.29 -7.26
CA SER A 129 -10.61 20.34 -7.87
C SER A 129 -11.39 20.88 -9.10
N VAL A 130 -11.36 22.19 -9.36
CA VAL A 130 -11.95 22.76 -10.60
C VAL A 130 -10.85 23.51 -11.36
N LYS A 131 -11.02 23.66 -12.68
CA LYS A 131 -9.96 24.32 -13.49
C LYS A 131 -10.62 25.39 -14.29
N GLY A 132 -10.88 25.18 -15.58
CA GLY A 132 -11.77 26.10 -16.29
C GLY A 132 -11.33 27.54 -16.26
N LYS A 133 -12.28 28.45 -16.09
CA LYS A 133 -11.92 29.86 -16.07
C LYS A 133 -10.90 30.22 -15.02
N LEU A 134 -10.88 29.49 -13.91
CA LEU A 134 -9.90 29.71 -12.87
C LEU A 134 -8.46 29.66 -13.36
N VAL A 135 -8.15 28.76 -14.27
CA VAL A 135 -6.79 28.67 -14.78
C VAL A 135 -6.42 29.92 -15.58
N TYR A 136 -7.29 30.34 -16.48
CA TYR A 136 -7.11 31.62 -17.24
C TYR A 136 -7.03 32.86 -16.35
N ASP A 137 -7.88 32.92 -15.33
CA ASP A 137 -7.76 34.02 -14.37
C ASP A 137 -6.42 33.95 -13.64
N LEU A 138 -5.97 32.75 -13.22
CA LEU A 138 -4.71 32.65 -12.45
C LEU A 138 -3.52 32.96 -13.34
N GLU A 139 -3.57 32.55 -14.60
CA GLU A 139 -2.45 32.87 -15.49
C GLU A 139 -2.40 34.37 -15.86
N ASN A 140 -3.55 35.00 -15.97
CA ASN A 140 -3.59 36.44 -16.15
C ASN A 140 -3.08 37.20 -14.93
N ILE A 141 -3.28 36.66 -13.73
CA ILE A 141 -2.78 37.31 -12.55
C ILE A 141 -1.26 37.10 -12.49
N LEU A 142 -0.85 35.84 -12.68
CA LEU A 142 0.55 35.46 -12.44
C LEU A 142 1.45 35.45 -13.69
N GLY A 143 0.91 35.90 -14.83
CA GLY A 143 1.71 35.99 -16.04
C GLY A 143 2.06 34.61 -16.61
N LYS A 144 3.27 34.11 -16.36
CA LYS A 144 3.89 32.93 -17.00
C LYS A 144 4.21 31.85 -15.95
N ARG A 145 4.10 32.23 -14.69
CA ARG A 145 4.46 31.34 -13.57
C ARG A 145 3.47 30.19 -13.29
N PHE A 146 2.32 30.18 -13.95
CA PHE A 146 1.23 29.34 -13.46
C PHE A 146 0.95 28.09 -14.29
N VAL A 147 0.81 26.96 -13.59
CA VAL A 147 0.41 25.70 -14.20
C VAL A 147 -0.70 25.11 -13.42
N GLY A 148 -1.86 24.93 -14.09
CA GLY A 148 -3.02 24.33 -13.42
C GLY A 148 -2.91 22.83 -13.26
N GLY A 149 -3.34 22.29 -12.14
CA GLY A 149 -3.34 20.84 -11.91
C GLY A 149 -4.51 20.39 -11.04
N HIS A 150 -4.84 19.12 -11.14
CA HIS A 150 -5.87 18.51 -10.31
C HIS A 150 -5.49 17.01 -10.11
N PRO A 151 -5.06 16.65 -8.87
CA PRO A 151 -4.75 15.22 -8.58
C PRO A 151 -6.08 14.53 -8.26
N ILE A 152 -6.35 13.43 -8.97
CA ILE A 152 -7.62 12.70 -8.82
C ILE A 152 -7.40 11.75 -7.66
N ALA A 153 -7.40 12.34 -6.48
CA ALA A 153 -7.03 11.61 -5.32
C ALA A 153 -8.15 11.95 -4.39
N GLY A 154 -7.85 12.62 -3.29
CA GLY A 154 -8.89 12.83 -2.29
C GLY A 154 -9.56 11.64 -1.57
N THR A 155 -9.85 11.90 -0.31
CA THR A 155 -10.70 11.09 0.47
C THR A 155 -11.61 12.11 1.19
N GLU A 156 -12.23 11.70 2.28
CA GLU A 156 -13.17 12.56 2.94
C GLU A 156 -12.52 13.08 4.24
N LYS A 157 -11.26 13.49 4.11
CA LYS A 157 -10.49 13.93 5.28
C LYS A 157 -10.14 15.39 5.18
N SER A 158 -10.07 16.05 6.34
CA SER A 158 -9.58 17.40 6.40
C SER A 158 -8.54 17.57 7.49
N GLY A 159 -7.72 18.60 7.35
CA GLY A 159 -6.71 18.94 8.38
C GLY A 159 -5.36 18.28 8.14
N VAL A 160 -4.27 19.03 8.35
CA VAL A 160 -2.90 18.46 8.27
C VAL A 160 -2.69 17.17 9.07
N GLU A 161 -3.37 16.99 10.20
CA GLU A 161 -3.18 15.76 11.04
C GLU A 161 -3.52 14.47 10.28
N TYR A 162 -4.25 14.61 9.19
CA TYR A 162 -4.72 13.47 8.44
C TYR A 162 -3.91 13.28 7.14
N SER A 163 -3.02 14.22 6.87
CA SER A 163 -2.19 14.12 5.67
C SER A 163 -1.40 12.79 5.60
N LEU A 164 -1.41 12.19 4.40
CA LEU A 164 -0.72 10.91 4.08
C LEU A 164 0.46 11.18 3.13
N ASP A 165 1.56 10.48 3.34
CA ASP A 165 2.76 10.62 2.54
C ASP A 165 2.75 9.73 1.30
N ASN A 166 1.59 9.13 0.98
CA ASN A 166 1.40 8.39 -0.26
C ASN A 166 0.03 8.60 -0.92
N LEU A 167 -0.64 9.69 -0.57
CA LEU A 167 -1.98 9.95 -1.10
C LEU A 167 -2.02 9.83 -2.64
N TYR A 168 -0.94 10.17 -3.33
CA TYR A 168 -0.95 10.35 -4.80
C TYR A 168 -0.43 9.16 -5.57
N GLU A 169 0.16 8.15 -4.88
CA GLU A 169 0.76 6.99 -5.52
C GLU A 169 -0.20 6.21 -6.44
N GLY A 170 0.14 6.10 -7.72
CA GLY A 170 -0.65 5.36 -8.70
C GLY A 170 -1.90 6.12 -9.10
N LYS A 171 -2.08 7.37 -8.62
CA LYS A 171 -3.27 8.11 -9.11
C LYS A 171 -3.06 9.10 -10.23
N LYS A 172 -4.14 9.37 -10.94
CA LYS A 172 -4.14 10.32 -12.10
C LYS A 172 -3.93 11.71 -11.52
N VAL A 173 -3.04 12.48 -12.15
CA VAL A 173 -2.96 13.94 -11.98
C VAL A 173 -3.23 14.59 -13.33
N ILE A 174 -4.19 15.52 -13.42
CA ILE A 174 -4.48 16.17 -14.72
C ILE A 174 -3.89 17.55 -14.67
N LEU A 175 -3.02 17.87 -15.64
CA LEU A 175 -2.50 19.24 -15.79
C LEU A 175 -3.27 19.87 -16.96
N THR A 176 -3.52 21.18 -16.87
CA THR A 176 -4.34 21.83 -17.90
C THR A 176 -3.54 22.97 -18.56
N PRO A 177 -2.55 22.63 -19.37
CA PRO A 177 -1.75 23.67 -20.06
C PRO A 177 -2.59 24.48 -21.05
N THR A 178 -2.22 25.75 -21.30
CA THR A 178 -2.77 26.53 -22.42
C THR A 178 -1.69 26.90 -23.44
N LYS A 179 -2.06 27.68 -24.46
CA LYS A 179 -1.03 28.32 -25.32
C LYS A 179 -0.10 29.28 -24.54
N LYS A 180 -0.54 29.77 -23.38
CA LYS A 180 0.24 30.65 -22.51
C LYS A 180 1.14 29.94 -21.50
N THR A 181 1.00 28.62 -21.33
CA THR A 181 1.78 27.91 -20.32
C THR A 181 3.22 27.90 -20.70
N ASP A 182 4.10 28.01 -19.72
CA ASP A 182 5.54 27.87 -19.93
C ASP A 182 5.89 26.38 -19.97
N LYS A 183 6.47 25.96 -21.09
CA LYS A 183 6.79 24.56 -21.31
C LYS A 183 7.72 23.96 -20.27
N LYS A 184 8.72 24.72 -19.81
CA LYS A 184 9.66 24.22 -18.80
C LYS A 184 9.00 24.11 -17.43
N ARG A 185 8.08 25.00 -17.09
CA ARG A 185 7.31 24.83 -15.87
C ARG A 185 6.30 23.69 -15.96
N LEU A 186 5.68 23.53 -17.13
CA LEU A 186 4.75 22.42 -17.33
C LEU A 186 5.51 21.09 -17.06
N LYS A 187 6.70 21.03 -17.63
CA LYS A 187 7.56 19.88 -17.58
C LYS A 187 8.06 19.65 -16.15
N LEU A 188 8.42 20.71 -15.42
CA LEU A 188 8.76 20.56 -13.99
C LEU A 188 7.54 20.06 -13.15
N VAL A 189 6.36 20.61 -13.39
CA VAL A 189 5.22 20.26 -12.57
C VAL A 189 4.84 18.83 -12.87
N LYS A 190 4.91 18.44 -14.14
CA LYS A 190 4.78 17.03 -14.49
C LYS A 190 5.76 16.10 -13.71
N ARG A 191 7.04 16.46 -13.69
CA ARG A 191 8.06 15.65 -13.04
C ARG A 191 7.92 15.54 -11.51
N VAL A 192 7.58 16.65 -10.86
CA VAL A 192 7.30 16.71 -9.43
C VAL A 192 6.13 15.79 -9.07
N TRP A 193 5.08 15.81 -9.87
CA TRP A 193 3.96 14.87 -9.65
C TRP A 193 4.34 13.41 -9.85
N GLU A 194 5.17 13.13 -10.84
CA GLU A 194 5.65 11.75 -11.03
C GLU A 194 6.57 11.25 -9.91
N ASP A 195 7.38 12.16 -9.37
CA ASP A 195 8.24 11.86 -8.21
C ASP A 195 7.35 11.44 -7.04
N VAL A 196 6.14 12.01 -6.92
CA VAL A 196 5.31 11.49 -5.86
C VAL A 196 4.43 10.33 -6.25
N GLY A 197 4.70 9.70 -7.40
CA GLY A 197 3.94 8.52 -7.77
C GLY A 197 2.73 8.73 -8.67
N GLY A 198 2.30 9.97 -8.91
CA GLY A 198 1.22 10.29 -9.86
C GLY A 198 1.39 9.93 -11.35
N VAL A 199 0.28 9.74 -12.07
CA VAL A 199 0.26 9.44 -13.50
C VAL A 199 -0.37 10.64 -14.21
N VAL A 200 0.47 11.40 -14.92
CA VAL A 200 0.14 12.72 -15.43
C VAL A 200 -0.45 12.62 -16.82
N GLU A 201 -1.50 13.38 -17.07
CA GLU A 201 -2.04 13.56 -18.42
C GLU A 201 -2.46 15.00 -18.55
N TYR A 202 -2.74 15.43 -19.77
CA TYR A 202 -3.07 16.83 -20.05
C TYR A 202 -4.49 16.92 -20.58
N MET A 203 -5.20 17.98 -20.16
CA MET A 203 -6.52 18.33 -20.70
C MET A 203 -6.59 19.87 -20.74
N SER A 204 -7.25 20.45 -21.71
CA SER A 204 -7.53 21.86 -21.56
C SER A 204 -8.38 22.13 -20.27
N PRO A 205 -8.25 23.35 -19.72
CA PRO A 205 -9.07 23.77 -18.57
C PRO A 205 -10.55 23.52 -18.77
N GLU A 206 -11.06 23.84 -19.96
CA GLU A 206 -12.46 23.64 -20.30
C GLU A 206 -12.84 22.18 -20.39
N LEU A 207 -12.00 21.35 -20.98
CA LEU A 207 -12.34 19.94 -21.09
C LEU A 207 -12.31 19.33 -19.67
N HIS A 208 -11.34 19.72 -18.90
CA HIS A 208 -11.31 19.23 -17.55
C HIS A 208 -12.61 19.47 -16.81
N ASP A 209 -13.09 20.71 -16.86
CA ASP A 209 -14.34 21.04 -16.13
C ASP A 209 -15.60 20.33 -16.64
N TYR A 210 -15.62 20.06 -17.94
CA TYR A 210 -16.66 19.18 -18.47
C TYR A 210 -16.52 17.77 -17.96
N VAL A 211 -15.32 17.23 -18.07
CA VAL A 211 -15.13 15.80 -17.68
C VAL A 211 -15.51 15.59 -16.25
N PHE A 212 -14.99 16.44 -15.38
CA PHE A 212 -15.22 16.25 -13.96
C PHE A 212 -16.56 16.79 -13.52
N GLY A 213 -17.12 17.70 -14.30
CA GLY A 213 -18.51 18.06 -14.11
C GLY A 213 -19.39 16.81 -14.15
N VAL A 214 -19.11 15.95 -15.13
CA VAL A 214 -19.92 14.75 -15.38
C VAL A 214 -19.52 13.59 -14.44
N VAL A 215 -18.23 13.28 -14.27
CA VAL A 215 -17.92 12.03 -13.55
C VAL A 215 -17.81 12.23 -12.08
N SER A 216 -17.72 13.48 -11.63
CA SER A 216 -17.51 13.73 -10.21
C SER A 216 -18.57 14.64 -9.60
N HIS A 217 -18.86 15.78 -10.24
CA HIS A 217 -19.76 16.74 -9.63
C HIS A 217 -21.19 16.25 -9.69
N LEU A 218 -21.58 15.73 -10.86
CA LEU A 218 -22.96 15.28 -11.06
C LEU A 218 -23.34 14.18 -10.05
N PRO A 219 -22.46 13.18 -9.88
CA PRO A 219 -22.79 12.08 -8.98
C PRO A 219 -22.99 12.61 -7.55
N HIS A 220 -22.17 13.56 -7.12
CA HIS A 220 -22.43 14.16 -5.83
C HIS A 220 -23.78 14.95 -5.79
N ALA A 221 -24.05 15.71 -6.85
CA ALA A 221 -25.27 16.52 -6.95
C ALA A 221 -26.43 15.60 -6.72
N VAL A 222 -26.37 14.43 -7.32
CA VAL A 222 -27.51 13.53 -7.36
C VAL A 222 -27.63 12.81 -6.02
N ALA A 223 -26.52 12.45 -5.35
CA ALA A 223 -26.56 11.98 -3.95
C ALA A 223 -27.15 13.00 -2.99
N PHE A 224 -26.70 14.27 -3.11
CA PHE A 224 -27.33 15.41 -2.38
C PHE A 224 -28.81 15.47 -2.52
N ALA A 225 -29.31 15.41 -3.76
CA ALA A 225 -30.73 15.51 -4.03
C ALA A 225 -31.47 14.23 -3.53
N LEU A 226 -30.85 13.06 -3.60
CA LEU A 226 -31.46 11.84 -3.03
C LEU A 226 -31.75 11.98 -1.54
N VAL A 227 -30.75 12.45 -0.80
CA VAL A 227 -30.92 12.70 0.65
C VAL A 227 -32.04 13.65 0.89
N ASP A 228 -32.12 14.70 0.08
CA ASP A 228 -33.19 15.70 0.20
C ASP A 228 -34.51 15.00 -0.07
N THR A 229 -34.46 13.98 -0.94
CA THR A 229 -35.72 13.33 -1.38
C THR A 229 -36.29 12.46 -0.28
N LEU A 230 -35.43 11.67 0.34
CA LEU A 230 -35.83 10.81 1.44
C LEU A 230 -36.36 11.62 2.64
N ILE A 231 -35.87 12.86 2.81
CA ILE A 231 -36.39 13.77 3.85
C ILE A 231 -37.82 14.22 3.52
N HIS A 232 -38.09 14.69 2.29
CA HIS A 232 -39.45 15.27 2.07
C HIS A 232 -40.50 14.23 1.72
N MET A 233 -40.06 12.99 1.47
CA MET A 233 -40.98 11.91 1.13
C MET A 233 -41.21 10.96 2.32
N SER A 234 -40.49 11.20 3.41
CA SER A 234 -40.81 10.57 4.68
C SER A 234 -42.10 11.21 5.15
N THR A 235 -42.85 10.46 5.94
CA THR A 235 -44.02 11.05 6.59
C THR A 235 -43.91 10.85 8.10
N PRO A 236 -44.82 11.48 8.86
CA PRO A 236 -44.72 11.45 10.31
C PRO A 236 -44.73 10.02 10.85
N GLU A 237 -45.30 9.10 10.08
CA GLU A 237 -45.41 7.74 10.51
C GLU A 237 -44.31 6.87 9.93
N VAL A 238 -43.52 7.42 8.99
CA VAL A 238 -42.54 6.63 8.25
C VAL A 238 -41.21 7.35 8.01
N ASP A 239 -40.17 6.90 8.71
CA ASP A 239 -38.86 7.43 8.50
C ASP A 239 -38.22 6.54 7.47
N LEU A 240 -38.08 7.05 6.22
CA LEU A 240 -37.46 6.27 5.18
C LEU A 240 -35.99 5.97 5.47
N PHE A 241 -35.32 6.81 6.25
CA PHE A 241 -33.90 6.56 6.59
C PHE A 241 -33.62 5.27 7.41
N LYS A 242 -34.66 4.71 8.02
CA LYS A 242 -34.60 3.40 8.65
C LYS A 242 -34.38 2.22 7.67
N TYR A 243 -34.42 2.43 6.34
CA TYR A 243 -34.30 1.33 5.39
C TYR A 243 -33.19 1.45 4.37
N PRO A 244 -31.92 1.47 4.82
CA PRO A 244 -30.83 1.71 3.87
C PRO A 244 -30.33 0.46 3.12
N GLY A 245 -30.82 -0.74 3.47
CA GLY A 245 -30.26 -1.97 2.94
C GLY A 245 -30.81 -2.28 1.56
N GLY A 246 -31.67 -1.43 0.99
CA GLY A 246 -32.23 -1.77 -0.32
C GLY A 246 -31.56 -1.05 -1.49
N GLY A 247 -30.32 -0.56 -1.34
CA GLY A 247 -29.68 0.20 -2.41
C GLY A 247 -29.24 1.60 -1.98
N PHE A 248 -29.76 2.10 -0.87
CA PHE A 248 -29.53 3.51 -0.54
C PHE A 248 -28.14 3.57 0.16
N LYS A 249 -27.79 2.46 0.81
CA LYS A 249 -26.55 2.42 1.59
C LYS A 249 -25.31 3.15 0.99
N ASP A 250 -24.94 2.87 -0.27
CA ASP A 250 -23.73 3.46 -0.86
C ASP A 250 -23.86 4.96 -1.01
N PHE A 251 -25.06 5.43 -1.32
CA PHE A 251 -25.31 6.86 -1.35
C PHE A 251 -25.11 7.59 -0.03
N THR A 252 -25.16 6.89 1.14
CA THR A 252 -24.99 7.58 2.45
C THR A 252 -23.55 8.03 2.70
N ARG A 253 -22.59 7.48 1.97
CA ARG A 253 -21.21 8.05 1.88
C ARG A 253 -21.22 9.58 1.71
N ILE A 254 -22.23 10.12 1.04
CA ILE A 254 -22.33 11.59 0.90
C ILE A 254 -22.35 12.29 2.24
N ALA A 255 -22.70 11.58 3.31
CA ALA A 255 -22.65 12.15 4.66
C ALA A 255 -21.24 12.61 5.04
N LYS A 256 -20.21 12.01 4.43
CA LYS A 256 -18.81 12.32 4.76
C LYS A 256 -18.29 13.56 4.04
N SER A 257 -19.06 14.04 3.02
CA SER A 257 -18.65 15.18 2.17
C SER A 257 -18.67 16.46 2.98
N ASP A 258 -17.91 17.44 2.51
CA ASP A 258 -17.85 18.77 3.11
C ASP A 258 -18.72 19.70 2.30
N PRO A 259 -19.82 20.16 2.90
CA PRO A 259 -20.86 20.98 2.28
C PRO A 259 -20.34 22.28 1.73
N ILE A 260 -19.40 22.88 2.43
CA ILE A 260 -18.80 24.15 1.99
C ILE A 260 -17.99 23.96 0.73
N MET A 261 -17.10 22.94 0.73
CA MET A 261 -16.34 22.61 -0.47
C MET A 261 -17.24 22.33 -1.69
N TRP A 262 -18.26 21.49 -1.53
CA TRP A 262 -19.24 21.24 -2.58
C TRP A 262 -19.98 22.45 -3.04
N ARG A 263 -20.39 23.28 -2.09
CA ARG A 263 -20.98 24.54 -2.42
C ARG A 263 -20.08 25.30 -3.39
N ASP A 264 -18.80 25.42 -3.03
CA ASP A 264 -17.84 26.19 -3.84
C ASP A 264 -17.60 25.53 -5.20
N ILE A 265 -17.48 24.18 -5.24
CA ILE A 265 -17.24 23.49 -6.49
C ILE A 265 -18.48 23.67 -7.45
N PHE A 266 -19.69 23.42 -6.91
CA PHE A 266 -20.91 23.70 -7.68
C PHE A 266 -20.96 25.11 -8.31
N LEU A 267 -20.61 26.13 -7.54
CA LEU A 267 -20.72 27.49 -8.03
C LEU A 267 -19.69 27.80 -9.06
N GLU A 268 -18.46 27.37 -8.79
CA GLU A 268 -17.35 27.66 -9.65
C GLU A 268 -17.46 26.88 -10.98
N ASN A 269 -18.02 25.67 -10.97
CA ASN A 269 -18.20 24.88 -12.20
C ASN A 269 -19.64 24.87 -12.65
N LYS A 270 -20.36 25.94 -12.33
CA LYS A 270 -21.82 25.94 -12.60
C LYS A 270 -22.30 25.54 -14.00
N GLU A 271 -21.58 25.94 -15.01
CA GLU A 271 -22.07 25.83 -16.37
C GLU A 271 -21.92 24.38 -16.76
N ASN A 272 -20.80 23.74 -16.39
CA ASN A 272 -20.65 22.28 -16.57
C ASN A 272 -21.48 21.38 -15.67
N VAL A 273 -21.67 21.79 -14.43
CA VAL A 273 -22.56 21.06 -13.56
C VAL A 273 -23.97 21.11 -14.13
N MET A 274 -24.43 22.27 -14.64
CA MET A 274 -25.78 22.30 -15.27
C MET A 274 -25.89 21.43 -16.55
N LYS A 275 -24.93 21.54 -17.44
CA LYS A 275 -24.91 20.61 -18.57
C LYS A 275 -24.92 19.15 -18.13
N ALA A 276 -24.21 18.80 -17.05
CA ALA A 276 -24.15 17.40 -16.64
C ALA A 276 -25.52 16.95 -16.09
N ILE A 277 -26.14 17.81 -15.30
CA ILE A 277 -27.44 17.48 -14.73
C ILE A 277 -28.39 17.31 -15.88
N GLU A 278 -28.28 18.19 -16.90
CA GLU A 278 -29.13 18.11 -18.09
C GLU A 278 -29.01 16.75 -18.76
N GLY A 279 -27.80 16.25 -18.95
CA GLY A 279 -27.62 14.94 -19.62
C GLY A 279 -28.10 13.81 -18.74
N PHE A 280 -27.86 13.92 -17.43
CA PHE A 280 -28.53 13.07 -16.45
C PHE A 280 -30.04 13.10 -16.53
N GLU A 281 -30.63 14.29 -16.55
CA GLU A 281 -32.09 14.34 -16.72
C GLU A 281 -32.53 13.66 -18.03
N LYS A 282 -31.75 13.75 -19.10
CA LYS A 282 -32.10 13.06 -20.34
C LYS A 282 -32.09 11.54 -20.12
N SER A 283 -31.06 11.02 -19.40
CA SER A 283 -30.95 9.60 -19.16
C SER A 283 -32.10 9.11 -18.28
N LEU A 284 -32.45 9.90 -17.28
CA LEU A 284 -33.49 9.49 -16.35
C LEU A 284 -34.87 9.56 -17.02
N ASN A 285 -35.06 10.61 -17.81
CA ASN A 285 -36.25 10.75 -18.67
C ASN A 285 -36.37 9.55 -19.64
N HIS A 286 -35.28 9.10 -20.28
CA HIS A 286 -35.32 7.90 -21.14
C HIS A 286 -35.84 6.68 -20.29
N LEU A 287 -35.35 6.55 -19.09
CA LEU A 287 -35.71 5.41 -18.24
C LEU A 287 -37.19 5.46 -17.84
N LYS A 288 -37.67 6.66 -17.47
CA LYS A 288 -39.10 6.86 -17.24
C LYS A 288 -39.93 6.43 -18.45
N GLU A 289 -39.49 6.81 -19.65
CA GLU A 289 -40.30 6.51 -20.84
C GLU A 289 -40.41 5.00 -20.99
N LEU A 290 -39.31 4.28 -20.77
CA LEU A 290 -39.32 2.86 -21.00
C LEU A 290 -40.20 2.27 -19.96
N ILE A 291 -40.21 2.87 -18.76
CA ILE A 291 -41.02 2.35 -17.63
C ILE A 291 -42.54 2.52 -17.88
N VAL A 292 -42.95 3.74 -18.18
CA VAL A 292 -44.37 4.04 -18.48
C VAL A 292 -44.89 3.31 -19.73
N ARG A 293 -44.08 3.20 -20.78
CA ARG A 293 -44.52 2.49 -22.03
C ARG A 293 -44.45 0.97 -21.88
N GLU A 294 -43.95 0.52 -20.73
CA GLU A 294 -43.73 -0.90 -20.49
C GLU A 294 -42.91 -1.52 -21.63
N ALA A 295 -41.83 -0.86 -21.99
CA ALA A 295 -40.98 -1.35 -23.06
C ALA A 295 -40.08 -2.46 -22.44
N GLU A 296 -40.60 -3.69 -22.43
CA GLU A 296 -39.99 -4.79 -21.66
C GLU A 296 -38.55 -5.08 -22.09
N GLU A 297 -38.38 -5.28 -23.38
CA GLU A 297 -37.09 -5.57 -23.98
C GLU A 297 -36.15 -4.37 -24.00
N GLU A 298 -36.65 -3.18 -24.35
CA GLU A 298 -35.84 -1.96 -24.34
C GLU A 298 -35.25 -1.72 -22.95
N LEU A 299 -36.04 -2.00 -21.92
CA LEU A 299 -35.66 -1.71 -20.56
C LEU A 299 -34.49 -2.65 -20.12
N VAL A 300 -34.62 -3.92 -20.43
CA VAL A 300 -33.56 -4.88 -20.27
C VAL A 300 -32.27 -4.44 -20.92
N GLU A 301 -32.32 -4.03 -22.19
CA GLU A 301 -31.14 -3.59 -22.93
C GLU A 301 -30.54 -2.32 -22.37
N TYR A 302 -31.39 -1.34 -22.02
CA TYR A 302 -30.90 -0.16 -21.31
C TYR A 302 -30.10 -0.61 -20.07
N LEU A 303 -30.62 -1.55 -19.29
CA LEU A 303 -30.03 -1.89 -18.00
C LEU A 303 -28.79 -2.73 -18.25
N LYS A 304 -28.85 -3.60 -19.27
CA LYS A 304 -27.72 -4.43 -19.68
C LYS A 304 -26.53 -3.61 -20.14
N GLU A 305 -26.77 -2.64 -21.03
CA GLU A 305 -25.66 -1.78 -21.48
C GLU A 305 -25.04 -1.00 -20.31
N VAL A 306 -25.86 -0.44 -19.40
CA VAL A 306 -25.18 0.19 -18.25
C VAL A 306 -24.44 -0.85 -17.37
N LYS A 307 -25.00 -2.05 -17.20
CA LYS A 307 -24.30 -3.12 -16.50
C LYS A 307 -22.85 -3.39 -16.99
N ILE A 308 -22.74 -3.62 -18.28
CA ILE A 308 -21.49 -3.92 -18.89
C ILE A 308 -20.47 -2.82 -18.71
N LYS A 309 -20.88 -1.58 -18.95
CA LYS A 309 -19.96 -0.43 -18.85
C LYS A 309 -19.48 -0.19 -17.44
N ARG A 310 -20.35 -0.49 -16.47
CA ARG A 310 -20.04 -0.22 -15.09
C ARG A 310 -19.12 -1.32 -14.61
N MET A 311 -19.36 -2.57 -15.07
CA MET A 311 -18.43 -3.65 -14.74
C MET A 311 -17.00 -3.46 -15.35
N GLU A 312 -16.81 -2.81 -16.53
CA GLU A 312 -15.44 -2.67 -17.13
C GLU A 312 -14.45 -1.95 -16.18
N ILE A 313 -15.07 -1.07 -15.39
CA ILE A 313 -14.58 -0.19 -14.33
C ILE A 313 -14.76 1.32 -14.59
N LYS B 29 -11.54 -32.28 -2.96
CA LYS B 29 -12.94 -32.74 -2.67
C LYS B 29 -13.80 -31.62 -2.11
N SER B 30 -13.63 -31.33 -0.83
CA SER B 30 -14.43 -30.29 -0.20
C SER B 30 -13.74 -29.50 0.91
N LEU B 31 -12.71 -28.73 0.57
CA LEU B 31 -12.12 -27.82 1.55
C LEU B 31 -13.33 -27.22 2.28
N SER B 32 -13.39 -27.22 3.63
CA SER B 32 -12.25 -27.41 4.60
C SER B 32 -12.25 -26.20 5.56
N MET B 33 -12.26 -25.01 4.96
CA MET B 33 -12.53 -23.74 5.64
C MET B 33 -13.52 -22.89 4.82
N GLN B 34 -14.29 -22.03 5.49
CA GLN B 34 -15.39 -21.35 4.84
C GLN B 34 -15.37 -19.87 5.11
N ASN B 35 -15.31 -19.53 6.40
CA ASN B 35 -15.33 -18.13 6.82
C ASN B 35 -14.03 -17.82 7.48
N VAL B 36 -13.25 -16.97 6.79
CA VAL B 36 -11.88 -16.66 7.21
C VAL B 36 -11.93 -15.28 7.81
N LEU B 37 -11.27 -15.16 8.95
CA LEU B 37 -11.11 -13.89 9.61
C LEU B 37 -9.63 -13.47 9.65
N ILE B 38 -9.30 -12.36 9.00
CA ILE B 38 -8.03 -11.71 9.16
C ILE B 38 -8.15 -10.77 10.32
N VAL B 39 -7.35 -10.99 11.35
CA VAL B 39 -7.26 -10.03 12.46
C VAL B 39 -6.02 -9.23 12.25
N GLY B 40 -6.23 -7.92 12.03
CA GLY B 40 -5.15 -7.01 11.70
C GLY B 40 -4.99 -6.98 10.20
N VAL B 41 -5.74 -6.06 9.57
CA VAL B 41 -5.86 -5.97 8.17
C VAL B 41 -4.80 -4.97 7.70
N GLY B 42 -3.56 -5.45 7.61
CA GLY B 42 -2.43 -4.62 7.27
C GLY B 42 -1.71 -5.25 6.09
N PHE B 43 -0.42 -4.96 5.97
CA PHE B 43 0.34 -5.51 4.86
C PHE B 43 0.32 -7.06 4.88
N MET B 44 0.71 -7.69 5.97
CA MET B 44 0.67 -9.18 6.07
C MET B 44 -0.71 -9.81 6.08
N GLY B 45 -1.66 -9.20 6.79
CA GLY B 45 -3.02 -9.69 6.81
C GLY B 45 -3.65 -9.64 5.43
N GLY B 46 -3.40 -8.53 4.74
CA GLY B 46 -3.92 -8.34 3.42
C GLY B 46 -3.25 -9.22 2.39
N SER B 47 -1.95 -9.45 2.57
CA SER B 47 -1.18 -10.26 1.66
C SER B 47 -1.69 -11.68 1.77
N PHE B 48 -1.88 -12.14 3.00
CA PHE B 48 -2.48 -13.43 3.18
C PHE B 48 -3.89 -13.49 2.57
N ALA B 49 -4.74 -12.49 2.81
CA ALA B 49 -6.05 -12.53 2.20
C ALA B 49 -5.94 -12.61 0.69
N LYS B 50 -5.08 -11.80 0.07
CA LYS B 50 -4.95 -11.77 -1.38
C LYS B 50 -4.38 -13.06 -1.95
N SER B 51 -3.38 -13.60 -1.26
CA SER B 51 -2.75 -14.86 -1.69
C SER B 51 -3.73 -16.05 -1.58
N LEU B 52 -4.68 -15.94 -0.66
CA LEU B 52 -5.72 -16.94 -0.47
C LEU B 52 -6.71 -16.86 -1.63
N ARG B 53 -7.24 -15.68 -1.88
CA ARG B 53 -8.22 -15.46 -2.96
C ARG B 53 -7.60 -15.77 -4.30
N ARG B 54 -6.28 -15.73 -4.37
CA ARG B 54 -5.56 -15.93 -5.63
C ARG B 54 -5.22 -17.40 -5.87
N SER B 55 -5.36 -18.22 -4.85
CA SER B 55 -5.18 -19.64 -5.01
C SER B 55 -6.56 -20.29 -5.22
N GLY B 56 -7.56 -19.45 -5.53
CA GLY B 56 -8.95 -19.86 -5.80
C GLY B 56 -9.78 -20.29 -4.58
N PHE B 57 -9.46 -19.75 -3.41
CA PHE B 57 -10.30 -19.93 -2.22
C PHE B 57 -11.69 -19.33 -2.48
N LYS B 58 -12.73 -20.10 -2.20
CA LYS B 58 -14.03 -19.67 -2.65
C LYS B 58 -14.94 -19.23 -1.50
N GLY B 59 -14.38 -19.17 -0.29
CA GLY B 59 -15.17 -18.80 0.87
C GLY B 59 -15.20 -17.29 1.12
N LYS B 60 -15.66 -16.90 2.31
CA LYS B 60 -15.61 -15.50 2.70
C LYS B 60 -14.39 -15.16 3.48
N ILE B 61 -13.92 -13.94 3.22
CA ILE B 61 -12.89 -13.32 3.95
C ILE B 61 -13.34 -12.07 4.69
N TYR B 62 -13.22 -12.08 6.00
CA TYR B 62 -13.66 -10.96 6.81
C TYR B 62 -12.48 -10.28 7.48
N GLY B 63 -12.69 -9.04 7.93
CA GLY B 63 -11.62 -8.31 8.62
C GLY B 63 -11.94 -7.87 10.03
N TYR B 64 -10.99 -8.03 10.94
CA TYR B 64 -11.20 -7.34 12.19
C TYR B 64 -10.04 -6.38 12.39
N ASP B 65 -10.26 -5.17 12.86
CA ASP B 65 -9.13 -4.28 13.06
C ASP B 65 -9.44 -3.12 13.98
N ILE B 66 -8.47 -2.72 14.78
CA ILE B 66 -8.70 -1.57 15.64
C ILE B 66 -8.89 -0.25 14.84
N ASN B 67 -8.48 -0.22 13.55
CA ASN B 67 -8.56 0.99 12.64
C ASN B 67 -9.67 0.90 11.57
N PRO B 68 -10.72 1.76 11.69
CA PRO B 68 -11.84 1.69 10.72
C PRO B 68 -11.33 1.93 9.31
N GLU B 69 -10.23 2.65 9.21
CA GLU B 69 -9.55 3.00 7.97
C GLU B 69 -8.90 1.78 7.29
N SER B 70 -8.35 0.84 8.08
CA SER B 70 -7.86 -0.45 7.56
C SER B 70 -8.96 -1.31 6.89
N ILE B 71 -10.08 -1.47 7.61
CA ILE B 71 -11.27 -2.15 7.10
C ILE B 71 -11.75 -1.48 5.80
N SER B 72 -11.91 -0.15 5.88
CA SER B 72 -12.44 0.67 4.81
C SER B 72 -11.59 0.58 3.53
N LYS B 73 -10.26 0.76 3.65
CA LYS B 73 -9.33 0.52 2.50
C LYS B 73 -9.41 -0.93 1.95
N ALA B 74 -9.48 -1.90 2.85
CA ALA B 74 -9.41 -3.32 2.46
C ALA B 74 -10.70 -3.73 1.76
N VAL B 75 -11.82 -3.32 2.32
CA VAL B 75 -13.08 -3.55 1.63
C VAL B 75 -12.97 -2.91 0.28
N ASP B 76 -12.57 -1.64 0.23
CA ASP B 76 -12.61 -0.86 -1.03
C ASP B 76 -11.61 -1.39 -2.10
N LEU B 77 -10.59 -2.13 -1.67
CA LEU B 77 -9.66 -2.87 -2.56
C LEU B 77 -10.03 -4.29 -2.99
N GLY B 78 -11.12 -4.85 -2.44
CA GLY B 78 -11.57 -6.18 -2.81
C GLY B 78 -10.75 -7.24 -2.10
N ILE B 79 -10.18 -6.84 -0.96
CA ILE B 79 -9.28 -7.70 -0.24
C ILE B 79 -10.06 -8.54 0.76
N ILE B 80 -10.94 -7.86 1.52
CA ILE B 80 -11.90 -8.56 2.38
C ILE B 80 -13.30 -8.23 1.91
N ASP B 81 -14.26 -9.08 2.24
CA ASP B 81 -15.61 -8.95 1.83
C ASP B 81 -16.36 -7.95 2.71
N GLU B 82 -15.97 -7.90 3.99
CA GLU B 82 -16.65 -7.08 4.99
C GLU B 82 -15.76 -7.09 6.23
N GLY B 83 -15.84 -6.05 7.05
CA GLY B 83 -15.04 -6.05 8.29
C GLY B 83 -15.62 -5.17 9.39
N THR B 84 -14.96 -5.18 10.55
CA THR B 84 -15.51 -4.50 11.71
C THR B 84 -14.43 -3.95 12.57
N THR B 85 -14.77 -3.02 13.43
CA THR B 85 -13.78 -2.50 14.37
C THR B 85 -14.19 -2.87 15.81
N SER B 86 -15.32 -3.55 15.93
CA SER B 86 -15.84 -4.00 17.22
C SER B 86 -15.64 -5.50 17.28
N ILE B 87 -14.93 -5.98 18.30
CA ILE B 87 -14.61 -7.39 18.43
C ILE B 87 -15.84 -8.31 18.62
N ALA B 88 -16.88 -7.82 19.28
CA ALA B 88 -17.99 -8.67 19.57
C ALA B 88 -18.80 -8.86 18.28
N LYS B 89 -18.66 -7.91 17.33
CA LYS B 89 -19.43 -7.96 16.07
C LYS B 89 -18.94 -9.14 15.21
N VAL B 90 -17.78 -9.66 15.59
CA VAL B 90 -17.13 -10.72 14.89
C VAL B 90 -17.97 -12.03 14.89
N GLU B 91 -18.81 -12.23 15.92
CA GLU B 91 -19.66 -13.43 16.01
C GLU B 91 -20.56 -13.68 14.77
N ASP B 92 -21.11 -12.59 14.22
CA ASP B 92 -21.99 -12.56 13.04
C ASP B 92 -21.27 -13.04 11.78
N PHE B 93 -19.94 -13.09 11.86
CA PHE B 93 -19.07 -13.59 10.77
C PHE B 93 -18.86 -15.12 10.79
N SER B 94 -19.15 -15.76 11.92
CA SER B 94 -18.95 -17.21 12.09
C SER B 94 -17.63 -17.80 11.55
N PRO B 95 -16.48 -17.19 11.92
CA PRO B 95 -15.22 -17.62 11.31
C PRO B 95 -14.84 -19.00 11.80
N ASP B 96 -14.30 -19.81 10.88
CA ASP B 96 -13.77 -21.11 11.26
C ASP B 96 -12.27 -21.14 11.09
N PHE B 97 -11.73 -20.04 10.55
CA PHE B 97 -10.30 -19.94 10.28
C PHE B 97 -9.86 -18.51 10.52
N VAL B 98 -8.98 -18.33 11.49
CA VAL B 98 -8.58 -16.99 11.85
C VAL B 98 -7.05 -16.88 11.71
N MET B 99 -6.58 -15.79 11.08
CA MET B 99 -5.18 -15.59 10.89
C MET B 99 -4.79 -14.34 11.66
N LEU B 100 -4.07 -14.50 12.78
CA LEU B 100 -3.69 -13.32 13.55
C LEU B 100 -2.59 -12.61 12.83
N SER B 101 -2.82 -11.36 12.49
CA SER B 101 -1.86 -10.58 11.66
C SER B 101 -1.76 -9.15 12.12
N SER B 102 -2.26 -8.90 13.34
CA SER B 102 -2.01 -7.64 14.05
C SER B 102 -0.65 -7.75 14.76
N PRO B 103 -0.20 -6.68 15.44
CA PRO B 103 1.08 -6.80 16.14
C PRO B 103 1.02 -7.91 17.18
N VAL B 104 2.12 -8.63 17.46
CA VAL B 104 2.04 -9.73 18.43
C VAL B 104 1.58 -9.31 19.85
N ARG B 105 1.78 -8.07 20.26
CA ARG B 105 1.33 -7.64 21.61
C ARG B 105 -0.20 -7.57 21.74
N THR B 106 -0.93 -7.64 20.61
CA THR B 106 -2.35 -7.59 20.63
C THR B 106 -2.98 -8.99 20.68
N PHE B 107 -2.17 -10.04 20.48
CA PHE B 107 -2.73 -11.38 20.31
C PHE B 107 -3.45 -11.90 21.56
N ARG B 108 -2.89 -11.73 22.76
CA ARG B 108 -3.45 -12.45 23.95
C ARG B 108 -4.82 -11.87 24.28
N GLU B 109 -4.94 -10.53 24.23
CA GLU B 109 -6.19 -9.87 24.54
C GLU B 109 -7.21 -10.21 23.48
N ILE B 110 -6.85 -10.16 22.22
CA ILE B 110 -7.77 -10.53 21.16
C ILE B 110 -8.15 -12.01 21.29
N ALA B 111 -7.18 -12.89 21.49
CA ALA B 111 -7.45 -14.35 21.74
C ALA B 111 -8.47 -14.58 22.88
N LYS B 112 -8.30 -13.85 23.99
CA LYS B 112 -9.23 -14.03 25.11
C LYS B 112 -10.65 -13.63 24.71
N LYS B 113 -10.81 -12.52 24.00
CA LYS B 113 -12.14 -12.27 23.43
C LYS B 113 -12.51 -13.37 22.45
N LEU B 114 -11.57 -13.86 21.65
CA LEU B 114 -11.97 -14.87 20.64
C LEU B 114 -12.46 -16.23 21.22
N SER B 115 -11.91 -16.63 22.38
CA SER B 115 -12.26 -17.89 23.03
C SER B 115 -13.78 -17.99 23.35
N TYR B 116 -14.45 -16.86 23.60
CA TYR B 116 -15.90 -16.86 23.92
C TYR B 116 -16.73 -16.76 22.65
N ILE B 117 -16.09 -16.31 21.56
CA ILE B 117 -16.79 -15.95 20.32
C ILE B 117 -16.79 -17.12 19.35
N LEU B 118 -15.66 -17.79 19.25
CA LEU B 118 -15.46 -18.73 18.18
C LEU B 118 -16.03 -20.10 18.49
N SER B 119 -16.51 -20.78 17.47
CA SER B 119 -16.82 -22.23 17.54
C SER B 119 -15.65 -23.02 18.13
N GLU B 120 -15.95 -24.17 18.75
CA GLU B 120 -14.85 -25.06 19.20
C GLU B 120 -14.21 -25.81 18.04
N ASP B 121 -14.79 -25.70 16.86
CA ASP B 121 -14.22 -26.33 15.70
C ASP B 121 -13.33 -25.36 14.88
N ALA B 122 -13.31 -24.09 15.28
CA ALA B 122 -12.53 -23.08 14.55
C ALA B 122 -11.05 -23.31 14.78
N THR B 123 -10.27 -22.87 13.83
CA THR B 123 -8.82 -22.91 13.96
C THR B 123 -8.34 -21.49 13.92
N VAL B 124 -7.40 -21.20 14.82
CA VAL B 124 -6.69 -19.92 14.88
C VAL B 124 -5.20 -20.14 14.63
N THR B 125 -4.57 -19.31 13.81
CA THR B 125 -3.09 -19.41 13.65
C THR B 125 -2.62 -17.99 13.49
N ASP B 126 -1.37 -17.75 13.14
CA ASP B 126 -0.87 -16.38 13.17
C ASP B 126 0.32 -16.27 12.28
N GLN B 127 0.81 -15.04 12.13
CA GLN B 127 2.01 -14.76 11.33
C GLN B 127 3.03 -14.03 12.20
N GLY B 128 2.79 -14.00 13.51
CA GLY B 128 3.67 -13.26 14.40
C GLY B 128 5.15 -13.61 14.26
N SER B 129 6.02 -12.63 14.48
CA SER B 129 7.46 -12.76 14.27
C SER B 129 8.09 -13.46 15.44
N VAL B 130 7.39 -13.54 16.56
CA VAL B 130 7.94 -14.24 17.72
C VAL B 130 6.96 -15.37 18.05
N LYS B 131 7.50 -16.43 18.63
CA LYS B 131 6.74 -17.61 18.97
C LYS B 131 6.94 -17.85 20.50
N GLY B 132 7.84 -18.72 20.93
CA GLY B 132 8.07 -18.94 22.37
C GLY B 132 6.85 -19.01 23.28
N LYS B 133 6.94 -18.29 24.40
CA LYS B 133 5.86 -18.19 25.40
C LYS B 133 4.55 -17.93 24.75
N LEU B 134 4.56 -17.02 23.78
CA LEU B 134 3.34 -16.64 23.07
C LEU B 134 2.50 -17.88 22.59
N VAL B 135 3.17 -18.91 22.08
CA VAL B 135 2.48 -20.12 21.64
C VAL B 135 1.69 -20.81 22.77
N TYR B 136 2.38 -21.09 23.86
CA TYR B 136 1.80 -21.71 25.03
C TYR B 136 0.69 -20.88 25.62
N ASP B 137 0.89 -19.56 25.66
CA ASP B 137 -0.13 -18.71 26.20
C ASP B 137 -1.38 -18.84 25.34
N LEU B 138 -1.23 -18.77 24.01
CA LEU B 138 -2.36 -18.83 23.09
C LEU B 138 -3.03 -20.22 23.10
N GLU B 139 -2.22 -21.28 23.31
CA GLU B 139 -2.76 -22.61 23.55
C GLU B 139 -3.68 -22.73 24.78
N ASN B 140 -3.33 -22.02 25.85
CA ASN B 140 -4.12 -22.00 27.08
C ASN B 140 -5.38 -21.16 26.93
N ILE B 141 -5.31 -20.07 26.17
CA ILE B 141 -6.48 -19.23 26.02
C ILE B 141 -7.49 -19.90 25.06
N LEU B 142 -6.98 -20.49 23.96
CA LEU B 142 -7.80 -20.92 22.82
C LEU B 142 -7.99 -22.44 22.79
N GLY B 143 -7.37 -23.14 23.72
CA GLY B 143 -7.32 -24.60 23.67
C GLY B 143 -6.69 -25.15 22.39
N LYS B 144 -7.34 -26.19 21.88
CA LYS B 144 -6.94 -26.93 20.68
C LYS B 144 -7.10 -26.17 19.35
N ARG B 145 -7.79 -25.02 19.37
CA ARG B 145 -7.95 -24.18 18.17
C ARG B 145 -6.61 -23.66 17.62
N PHE B 146 -5.58 -23.60 18.46
CA PHE B 146 -4.41 -22.78 18.10
C PHE B 146 -3.23 -23.57 17.54
N VAL B 147 -2.61 -23.01 16.50
CA VAL B 147 -1.39 -23.51 15.90
C VAL B 147 -0.49 -22.35 15.62
N GLY B 148 0.74 -22.34 16.12
CA GLY B 148 1.51 -21.11 15.85
C GLY B 148 2.25 -21.16 14.53
N GLY B 149 2.34 -19.99 13.86
CA GLY B 149 3.10 -19.87 12.63
C GLY B 149 3.90 -18.61 12.46
N HIS B 150 4.88 -18.68 11.56
CA HIS B 150 5.68 -17.50 11.22
C HIS B 150 6.21 -17.63 9.78
N PRO B 151 5.68 -16.81 8.87
CA PRO B 151 6.17 -16.74 7.49
C PRO B 151 7.43 -15.88 7.47
N ILE B 152 8.52 -16.42 6.94
CA ILE B 152 9.80 -15.75 6.93
C ILE B 152 9.82 -14.91 5.66
N ALA B 153 9.10 -13.79 5.68
CA ALA B 153 8.83 -13.07 4.47
C ALA B 153 8.73 -11.64 4.84
N GLY B 154 9.86 -11.05 5.23
CA GLY B 154 9.87 -9.64 5.62
C GLY B 154 9.54 -8.68 4.47
N THR B 155 9.10 -7.49 4.81
CA THR B 155 9.17 -6.38 3.89
C THR B 155 9.04 -5.09 4.64
N GLU B 156 9.51 -4.02 4.03
CA GLU B 156 9.31 -2.78 4.69
C GLU B 156 8.12 -1.95 4.29
N LYS B 157 7.05 -2.61 3.86
CA LYS B 157 5.78 -1.87 3.76
C LYS B 157 4.86 -2.18 4.90
N SER B 158 4.01 -1.21 5.21
CA SER B 158 2.97 -1.32 6.22
C SER B 158 1.71 -0.82 5.52
N GLY B 159 0.56 -1.30 5.97
CA GLY B 159 -0.69 -0.91 5.32
C GLY B 159 -1.17 -1.91 4.30
N VAL B 160 -2.45 -2.18 4.36
CA VAL B 160 -3.09 -3.07 3.44
C VAL B 160 -2.94 -2.66 1.96
N GLU B 161 -2.78 -1.37 1.69
CA GLU B 161 -2.74 -0.87 0.31
C GLU B 161 -1.53 -1.39 -0.39
N TYR B 162 -0.57 -1.85 0.39
CA TYR B 162 0.70 -2.36 -0.16
C TYR B 162 0.77 -3.89 -0.19
N SER B 163 -0.30 -4.53 0.25
CA SER B 163 -0.30 -5.99 0.31
C SER B 163 -0.14 -6.59 -1.10
N LEU B 164 0.57 -7.72 -1.14
CA LEU B 164 0.96 -8.38 -2.39
C LEU B 164 0.24 -9.72 -2.47
N ASP B 165 0.06 -10.26 -3.68
CA ASP B 165 -0.73 -11.47 -3.77
C ASP B 165 0.15 -12.70 -3.98
N ASN B 166 1.45 -12.44 -4.07
CA ASN B 166 2.45 -13.47 -4.12
C ASN B 166 3.53 -13.34 -3.02
N LEU B 167 3.21 -12.74 -1.86
CA LEU B 167 4.27 -12.50 -0.86
C LEU B 167 5.03 -13.75 -0.39
N TYR B 168 4.34 -14.88 -0.32
CA TYR B 168 4.86 -16.08 0.34
C TYR B 168 5.50 -17.16 -0.58
N GLU B 169 5.29 -16.98 -1.90
CA GLU B 169 5.68 -17.95 -2.92
C GLU B 169 7.15 -18.24 -2.77
N GLY B 170 7.46 -19.52 -2.56
CA GLY B 170 8.82 -20.02 -2.36
C GLY B 170 9.54 -19.53 -1.12
N LYS B 171 8.81 -18.99 -0.16
CA LYS B 171 9.40 -18.59 1.12
C LYS B 171 9.08 -19.59 2.24
N LYS B 172 10.01 -19.69 3.17
CA LYS B 172 9.90 -20.55 4.33
C LYS B 172 8.74 -20.06 5.17
N VAL B 173 7.94 -21.00 5.66
CA VAL B 173 6.97 -20.73 6.69
C VAL B 173 7.26 -21.66 7.85
N ILE B 174 7.50 -21.11 9.05
CA ILE B 174 7.83 -21.97 10.24
C ILE B 174 6.62 -22.17 11.12
N LEU B 175 6.16 -23.41 11.29
CA LEU B 175 5.02 -23.69 12.20
C LEU B 175 5.60 -24.25 13.47
N THR B 176 4.99 -23.98 14.61
CA THR B 176 5.62 -24.38 15.85
C THR B 176 4.64 -25.24 16.61
N PRO B 177 4.49 -26.52 16.20
CA PRO B 177 3.61 -27.41 16.97
C PRO B 177 4.23 -27.81 18.33
N THR B 178 3.37 -28.09 19.31
CA THR B 178 3.81 -28.56 20.63
C THR B 178 3.13 -29.89 20.84
N LYS B 179 3.35 -30.47 22.00
CA LYS B 179 2.71 -31.72 22.29
C LYS B 179 1.18 -31.57 22.42
N LYS B 180 0.70 -30.37 22.76
CA LYS B 180 -0.77 -30.03 22.83
C LYS B 180 -1.45 -29.81 21.43
N THR B 181 -0.65 -29.64 20.40
CA THR B 181 -1.21 -29.23 19.10
C THR B 181 -2.18 -30.28 18.52
N ASP B 182 -3.33 -29.82 18.04
CA ASP B 182 -4.26 -30.69 17.29
C ASP B 182 -3.59 -31.04 15.95
N LYS B 183 -3.29 -32.32 15.76
CA LYS B 183 -2.63 -32.73 14.55
C LYS B 183 -3.43 -32.45 13.25
N LYS B 184 -4.76 -32.45 13.30
CA LYS B 184 -5.54 -32.17 12.07
C LYS B 184 -5.58 -30.69 11.80
N ARG B 185 -5.43 -29.93 12.86
CA ARG B 185 -5.34 -28.51 12.69
C ARG B 185 -3.97 -28.17 12.15
N LEU B 186 -2.94 -28.88 12.58
CA LEU B 186 -1.58 -28.59 12.09
C LEU B 186 -1.58 -28.82 10.61
N LYS B 187 -2.14 -29.95 10.19
CA LYS B 187 -2.19 -30.34 8.79
C LYS B 187 -2.98 -29.33 7.95
N LEU B 188 -4.08 -28.84 8.52
CA LEU B 188 -4.91 -27.88 7.83
C LEU B 188 -4.08 -26.61 7.55
N VAL B 189 -3.38 -26.13 8.55
CA VAL B 189 -2.57 -24.92 8.45
C VAL B 189 -1.38 -25.09 7.52
N LYS B 190 -0.70 -26.21 7.63
CA LYS B 190 0.36 -26.53 6.71
C LYS B 190 -0.17 -26.48 5.26
N ARG B 191 -1.32 -27.10 5.02
CA ARG B 191 -1.83 -27.14 3.67
C ARG B 191 -2.19 -25.75 3.18
N VAL B 192 -2.79 -24.92 4.04
CA VAL B 192 -3.16 -23.59 3.63
C VAL B 192 -1.91 -22.80 3.23
N TRP B 193 -0.82 -22.93 3.97
CA TRP B 193 0.40 -22.21 3.62
C TRP B 193 0.93 -22.73 2.27
N GLU B 194 0.96 -24.06 2.08
CA GLU B 194 1.46 -24.63 0.84
C GLU B 194 0.66 -24.15 -0.38
N ASP B 195 -0.65 -23.95 -0.17
CA ASP B 195 -1.57 -23.45 -1.19
C ASP B 195 -1.28 -22.03 -1.66
N VAL B 196 -0.69 -21.22 -0.77
CA VAL B 196 -0.29 -19.85 -1.14
C VAL B 196 1.21 -19.75 -1.44
N GLY B 197 1.88 -20.91 -1.51
CA GLY B 197 3.26 -21.03 -1.99
C GLY B 197 4.38 -21.28 -0.98
N GLY B 198 4.03 -21.30 0.29
CA GLY B 198 5.03 -21.39 1.35
C GLY B 198 5.67 -22.74 1.41
N VAL B 199 6.89 -22.82 1.92
CA VAL B 199 7.49 -24.13 2.15
C VAL B 199 7.66 -24.30 3.67
N VAL B 200 6.87 -25.21 4.22
CA VAL B 200 6.65 -25.29 5.66
C VAL B 200 7.66 -26.19 6.37
N GLU B 201 8.10 -25.76 7.53
CA GLU B 201 9.04 -26.49 8.34
C GLU B 201 8.60 -26.36 9.83
N TYR B 202 8.95 -27.34 10.68
CA TYR B 202 8.55 -27.31 12.11
C TYR B 202 9.68 -26.95 13.06
N MET B 203 9.43 -26.07 14.00
CA MET B 203 10.39 -25.92 15.07
C MET B 203 9.57 -25.80 16.32
N SER B 204 10.14 -26.15 17.46
CA SER B 204 9.56 -25.74 18.74
C SER B 204 9.49 -24.21 18.81
N PRO B 205 8.53 -23.65 19.57
CA PRO B 205 8.47 -22.20 19.77
C PRO B 205 9.79 -21.67 20.36
N GLU B 206 10.44 -22.45 21.22
CA GLU B 206 11.73 -22.10 21.82
C GLU B 206 12.86 -22.08 20.80
N LEU B 207 12.92 -23.09 19.95
CA LEU B 207 13.93 -23.07 18.90
C LEU B 207 13.69 -21.92 17.97
N HIS B 208 12.44 -21.71 17.58
CA HIS B 208 12.16 -20.63 16.71
C HIS B 208 12.69 -19.34 17.30
N ASP B 209 12.48 -19.10 18.59
CA ASP B 209 12.85 -17.78 19.13
C ASP B 209 14.35 -17.54 19.23
N TYR B 210 15.07 -18.63 19.45
CA TYR B 210 16.53 -18.59 19.46
C TYR B 210 17.06 -18.31 18.06
N VAL B 211 16.55 -19.09 17.09
CA VAL B 211 17.06 -18.98 15.74
C VAL B 211 16.81 -17.57 15.19
N PHE B 212 15.59 -17.08 15.35
CA PHE B 212 15.27 -15.78 14.83
C PHE B 212 15.82 -14.68 15.71
N GLY B 213 16.07 -15.00 17.00
CA GLY B 213 16.81 -14.05 17.84
C GLY B 213 18.13 -13.69 17.14
N VAL B 214 18.81 -14.71 16.64
CA VAL B 214 20.15 -14.53 16.09
C VAL B 214 20.14 -14.06 14.61
N VAL B 215 19.26 -14.58 13.75
CA VAL B 215 19.39 -14.33 12.31
C VAL B 215 18.52 -13.16 11.79
N SER B 216 17.67 -12.63 12.67
CA SER B 216 16.77 -11.57 12.34
C SER B 216 16.87 -10.46 13.39
N HIS B 217 16.70 -10.82 14.65
CA HIS B 217 16.56 -9.78 15.69
C HIS B 217 17.91 -9.12 15.94
N LEU B 218 18.98 -9.92 15.99
CA LEU B 218 20.31 -9.33 16.13
C LEU B 218 20.75 -8.38 15.00
N PRO B 219 20.77 -8.85 13.78
CA PRO B 219 21.16 -7.91 12.73
C PRO B 219 20.39 -6.55 12.85
N HIS B 220 19.11 -6.58 13.20
CA HIS B 220 18.34 -5.31 13.32
C HIS B 220 18.85 -4.47 14.44
N ALA B 221 19.16 -5.11 15.54
CA ALA B 221 19.67 -4.43 16.75
C ALA B 221 21.00 -3.75 16.48
N VAL B 222 21.82 -4.40 15.69
CA VAL B 222 23.11 -3.92 15.34
C VAL B 222 22.96 -2.68 14.44
N ALA B 223 22.07 -2.77 13.47
CA ALA B 223 21.73 -1.65 12.60
C ALA B 223 21.24 -0.46 13.40
N PHE B 224 20.27 -0.67 14.29
CA PHE B 224 19.77 0.47 15.10
C PHE B 224 20.98 1.07 15.89
N ALA B 225 21.84 0.21 16.45
CA ALA B 225 22.97 0.74 17.20
C ALA B 225 24.04 1.44 16.33
N LEU B 226 24.14 1.04 15.07
CA LEU B 226 25.06 1.70 14.16
C LEU B 226 24.53 3.10 13.86
N VAL B 227 23.23 3.23 13.65
CA VAL B 227 22.69 4.54 13.45
C VAL B 227 22.96 5.44 14.67
N ASP B 228 22.68 4.94 15.87
CA ASP B 228 22.97 5.68 17.10
C ASP B 228 24.44 6.10 17.18
N THR B 229 25.35 5.20 16.81
CA THR B 229 26.77 5.48 16.88
C THR B 229 27.12 6.67 15.99
N LEU B 230 26.66 6.63 14.73
CA LEU B 230 26.94 7.74 13.85
C LEU B 230 26.29 9.04 14.32
N ILE B 231 25.20 8.97 15.09
CA ILE B 231 24.61 10.24 15.59
C ILE B 231 25.56 10.84 16.62
N HIS B 232 26.11 9.99 17.48
CA HIS B 232 26.84 10.51 18.64
C HIS B 232 28.29 10.80 18.29
N MET B 233 28.77 10.19 17.20
CA MET B 233 30.13 10.47 16.67
C MET B 233 30.20 11.55 15.58
N SER B 234 29.04 12.05 15.12
CA SER B 234 28.97 13.35 14.40
C SER B 234 29.48 14.58 15.21
N THR B 235 29.96 15.61 14.52
CA THR B 235 30.25 16.84 15.23
C THR B 235 29.31 17.93 14.68
N PRO B 236 29.29 19.11 15.30
CA PRO B 236 28.40 20.03 14.62
C PRO B 236 28.77 20.29 13.18
N GLU B 237 30.06 20.39 12.88
CA GLU B 237 30.46 20.71 11.53
C GLU B 237 30.73 19.49 10.65
N VAL B 238 30.78 18.28 11.24
CA VAL B 238 30.86 17.12 10.40
C VAL B 238 29.69 16.07 10.56
N ASP B 239 28.77 16.11 9.61
CA ASP B 239 27.65 15.17 9.60
C ASP B 239 28.09 13.87 8.96
N LEU B 240 28.19 12.82 9.76
CA LEU B 240 28.70 11.52 9.27
C LEU B 240 27.67 10.91 8.33
N PHE B 241 26.40 11.28 8.52
CA PHE B 241 25.35 10.82 7.61
C PHE B 241 25.48 11.34 6.16
N LYS B 242 26.33 12.30 5.88
CA LYS B 242 26.57 12.64 4.49
C LYS B 242 27.43 11.61 3.72
N TYR B 243 27.92 10.58 4.38
CA TYR B 243 28.86 9.67 3.69
C TYR B 243 28.43 8.22 3.62
N PRO B 244 27.26 7.89 2.99
CA PRO B 244 26.78 6.50 3.03
C PRO B 244 27.42 5.46 2.06
N GLY B 245 28.25 5.90 1.11
CA GLY B 245 28.60 5.04 -0.01
C GLY B 245 29.78 4.10 0.27
N GLY B 246 30.25 4.12 1.52
CA GLY B 246 31.44 3.42 1.89
C GLY B 246 31.10 2.14 2.66
N GLY B 247 29.87 1.66 2.52
CA GLY B 247 29.42 0.47 3.27
C GLY B 247 28.23 0.61 4.24
N PHE B 248 27.78 1.83 4.50
CA PHE B 248 26.76 2.02 5.53
C PHE B 248 25.47 1.84 4.83
N LYS B 249 25.54 2.01 3.52
CA LYS B 249 24.32 2.13 2.73
C LYS B 249 23.25 1.05 3.05
N ASP B 250 23.64 -0.23 3.06
CA ASP B 250 22.67 -1.29 3.25
C ASP B 250 22.04 -1.16 4.65
N PHE B 251 22.83 -0.69 5.62
CA PHE B 251 22.37 -0.43 6.97
C PHE B 251 21.27 0.63 7.02
N THR B 252 21.30 1.61 6.12
CA THR B 252 20.25 2.66 6.07
C THR B 252 18.86 2.12 5.83
N ARG B 253 18.75 0.86 5.39
CA ARG B 253 17.44 0.18 5.29
C ARG B 253 16.64 0.06 6.61
N ILE B 254 17.34 0.14 7.74
CA ILE B 254 16.67 0.15 9.04
C ILE B 254 15.78 1.40 9.21
N ALA B 255 16.04 2.48 8.45
CA ALA B 255 15.13 3.65 8.40
C ALA B 255 13.69 3.27 8.07
N LYS B 256 13.52 2.13 7.46
CA LYS B 256 12.21 1.80 6.97
C LYS B 256 11.53 0.88 7.95
N SER B 257 12.18 0.46 8.99
CA SER B 257 11.45 -0.46 9.83
C SER B 257 10.60 0.28 10.82
N ASP B 258 9.65 -0.43 11.41
CA ASP B 258 8.72 0.17 12.37
C ASP B 258 9.32 0.04 13.78
N PRO B 259 9.70 1.18 14.35
CA PRO B 259 10.28 1.31 15.68
C PRO B 259 9.40 0.71 16.79
N ILE B 260 8.07 0.76 16.63
CA ILE B 260 7.13 0.20 17.64
C ILE B 260 7.18 -1.33 17.56
N MET B 261 7.10 -1.89 16.36
CA MET B 261 7.22 -3.31 16.19
C MET B 261 8.56 -3.91 16.71
N TRP B 262 9.69 -3.19 16.52
CA TRP B 262 10.99 -3.70 16.99
C TRP B 262 11.10 -3.61 18.50
N ARG B 263 10.64 -2.48 19.06
CA ARG B 263 10.54 -2.34 20.51
C ARG B 263 9.81 -3.57 21.06
N ASP B 264 8.63 -3.82 20.50
CA ASP B 264 7.82 -4.98 20.84
C ASP B 264 8.56 -6.32 20.67
N ILE B 265 9.21 -6.52 19.52
CA ILE B 265 9.91 -7.79 19.31
C ILE B 265 11.08 -8.01 20.29
N PHE B 266 11.92 -6.99 20.47
CA PHE B 266 13.06 -7.07 21.36
C PHE B 266 12.64 -7.40 22.81
N LEU B 267 11.58 -6.79 23.30
CA LEU B 267 11.11 -7.08 24.64
C LEU B 267 10.48 -8.46 24.72
N GLU B 268 9.66 -8.80 23.72
CA GLU B 268 8.96 -10.08 23.76
C GLU B 268 9.92 -11.30 23.68
N ASN B 269 11.06 -11.11 23.02
CA ASN B 269 12.05 -12.13 22.86
C ASN B 269 13.33 -11.69 23.54
N LYS B 270 13.16 -10.93 24.60
CA LYS B 270 14.25 -10.28 25.35
C LYS B 270 15.37 -11.28 25.67
N GLU B 271 15.03 -12.48 26.11
CA GLU B 271 16.06 -13.42 26.53
C GLU B 271 16.94 -13.84 25.35
N ASN B 272 16.35 -14.10 24.19
CA ASN B 272 17.12 -14.62 23.07
C ASN B 272 17.89 -13.51 22.39
N VAL B 273 17.30 -12.31 22.44
CA VAL B 273 17.97 -11.11 21.96
C VAL B 273 19.25 -10.80 22.77
N MET B 274 19.18 -11.01 24.08
CA MET B 274 20.35 -10.80 24.90
C MET B 274 21.43 -11.81 24.60
N LYS B 275 21.07 -13.09 24.53
CA LYS B 275 22.06 -14.10 24.14
C LYS B 275 22.73 -13.78 22.79
N ALA B 276 21.93 -13.41 21.80
CA ALA B 276 22.42 -13.07 20.47
C ALA B 276 23.39 -11.91 20.54
N ILE B 277 23.05 -10.87 21.29
CA ILE B 277 23.96 -9.75 21.43
C ILE B 277 25.30 -10.16 22.04
N GLU B 278 25.25 -10.99 23.08
CA GLU B 278 26.46 -11.51 23.68
C GLU B 278 27.31 -12.34 22.71
N GLY B 279 26.69 -13.20 21.89
CA GLY B 279 27.44 -13.92 20.85
C GLY B 279 28.19 -12.96 19.90
N PHE B 280 27.50 -11.94 19.48
CA PHE B 280 28.01 -10.94 18.52
C PHE B 280 29.15 -10.14 19.15
N GLU B 281 28.95 -9.72 20.40
CA GLU B 281 29.98 -9.13 21.24
C GLU B 281 31.23 -10.00 21.36
N LYS B 282 31.04 -11.29 21.52
CA LYS B 282 32.17 -12.19 21.47
C LYS B 282 32.87 -12.13 20.11
N SER B 283 32.13 -12.27 19.01
CA SER B 283 32.69 -12.20 17.66
C SER B 283 33.37 -10.85 17.40
N LEU B 284 32.75 -9.78 17.87
CA LEU B 284 33.31 -8.46 17.65
C LEU B 284 34.67 -8.30 18.38
N ASN B 285 34.75 -8.78 19.62
CA ASN B 285 35.99 -8.71 20.40
C ASN B 285 37.15 -9.53 19.85
N HIS B 286 36.83 -10.74 19.37
CA HIS B 286 37.81 -11.55 18.63
C HIS B 286 38.41 -10.69 17.47
N LEU B 287 37.55 -10.06 16.65
CA LEU B 287 38.04 -9.15 15.58
C LEU B 287 38.88 -8.00 16.15
N LYS B 288 38.41 -7.38 17.23
CA LYS B 288 39.15 -6.30 17.91
C LYS B 288 40.53 -6.80 18.30
N GLU B 289 40.52 -7.93 19.00
CA GLU B 289 41.72 -8.61 19.44
C GLU B 289 42.71 -8.82 18.30
N LEU B 290 42.23 -9.30 17.15
CA LEU B 290 43.13 -9.58 16.01
C LEU B 290 43.75 -8.33 15.43
N ILE B 291 42.99 -7.22 15.50
CA ILE B 291 43.39 -5.89 15.01
C ILE B 291 44.46 -5.23 15.92
N VAL B 292 44.24 -5.24 17.24
CA VAL B 292 45.17 -4.55 18.12
C VAL B 292 46.53 -5.27 18.16
N ARG B 293 46.49 -6.60 18.18
CA ARG B 293 47.69 -7.45 18.13
C ARG B 293 48.31 -7.41 16.73
N GLU B 294 47.70 -6.68 15.79
CA GLU B 294 48.14 -6.67 14.39
C GLU B 294 48.46 -8.09 13.87
N ALA B 295 47.51 -8.98 14.08
CA ALA B 295 47.66 -10.38 13.78
C ALA B 295 47.37 -10.65 12.31
N GLU B 296 48.33 -10.31 11.47
CA GLU B 296 48.12 -10.32 10.03
C GLU B 296 47.51 -11.58 9.37
N GLU B 297 48.01 -12.80 9.63
CA GLU B 297 47.45 -14.00 9.00
C GLU B 297 46.17 -14.47 9.72
N GLU B 298 46.05 -14.14 11.01
CA GLU B 298 44.81 -14.40 11.77
C GLU B 298 43.61 -13.68 11.13
N LEU B 299 43.82 -12.41 10.83
CA LEU B 299 42.75 -11.52 10.43
C LEU B 299 42.28 -11.96 9.06
N VAL B 300 43.19 -12.15 8.12
CA VAL B 300 42.84 -12.77 6.82
C VAL B 300 42.04 -14.09 6.91
N GLU B 301 42.49 -15.04 7.76
CA GLU B 301 41.73 -16.26 8.04
C GLU B 301 40.31 -15.97 8.57
N TYR B 302 40.23 -15.03 9.49
CA TYR B 302 38.96 -14.75 10.11
C TYR B 302 38.06 -14.18 9.03
N LEU B 303 38.60 -13.24 8.26
CA LEU B 303 37.87 -12.57 7.22
C LEU B 303 37.49 -13.49 6.06
N LYS B 304 38.42 -14.31 5.59
CA LYS B 304 38.12 -15.32 4.60
C LYS B 304 37.10 -16.35 5.04
N GLU B 305 37.08 -16.80 6.29
CA GLU B 305 36.03 -17.72 6.67
C GLU B 305 34.62 -17.10 6.63
N VAL B 306 34.51 -15.85 7.06
CA VAL B 306 33.19 -15.24 7.04
C VAL B 306 32.68 -15.04 5.59
N LYS B 307 33.54 -14.50 4.70
CA LYS B 307 33.34 -14.43 3.25
C LYS B 307 32.81 -15.73 2.65
N ILE B 308 33.48 -16.85 2.93
CA ILE B 308 33.11 -18.15 2.43
C ILE B 308 31.72 -18.48 2.92
N LYS B 309 31.47 -18.23 4.20
CA LYS B 309 30.12 -18.50 4.76
C LYS B 309 29.02 -17.60 4.15
N ARG B 310 29.21 -16.28 3.97
CA ARG B 310 28.11 -15.48 3.37
C ARG B 310 27.94 -15.85 1.91
N MET B 311 29.02 -16.16 1.19
CA MET B 311 28.88 -16.54 -0.22
C MET B 311 28.04 -17.78 -0.44
N GLU B 312 28.19 -18.82 0.40
CA GLU B 312 27.38 -20.07 0.29
C GLU B 312 25.88 -19.76 0.21
N ILE B 313 25.48 -18.81 1.06
CA ILE B 313 24.35 -17.88 0.88
C ILE B 313 23.56 -17.66 2.20
N MET C 21 -41.51 -27.34 25.41
CA MET C 21 -42.00 -26.10 24.72
C MET C 21 -41.13 -25.75 23.51
N LYS C 22 -39.83 -25.84 23.68
CA LYS C 22 -38.93 -25.70 22.55
C LYS C 22 -38.93 -26.99 21.71
N ASN C 23 -38.68 -28.13 22.34
CA ASN C 23 -38.82 -29.43 21.67
C ASN C 23 -39.95 -29.43 20.63
N ILE C 24 -41.16 -29.18 21.11
CA ILE C 24 -42.42 -29.28 20.40
C ILE C 24 -42.50 -28.26 19.28
N ILE C 25 -42.30 -26.98 19.63
CA ILE C 25 -42.22 -25.92 18.65
C ILE C 25 -41.27 -26.32 17.51
N LYS C 26 -40.15 -26.96 17.87
CA LYS C 26 -39.18 -27.44 16.88
C LYS C 26 -39.73 -28.62 16.07
N ILE C 27 -40.30 -29.62 16.74
CA ILE C 27 -40.96 -30.72 16.03
C ILE C 27 -41.95 -30.16 14.98
N LEU C 28 -42.83 -29.25 15.41
CA LEU C 28 -43.89 -28.78 14.54
C LEU C 28 -43.33 -28.12 13.31
N LYS C 29 -42.31 -27.29 13.51
CA LYS C 29 -41.58 -26.65 12.41
C LYS C 29 -41.01 -27.67 11.43
N SER C 30 -40.29 -28.65 11.95
CA SER C 30 -39.75 -29.73 11.12
C SER C 30 -40.79 -30.30 10.16
N LEU C 31 -41.90 -30.75 10.77
CA LEU C 31 -42.94 -31.53 10.12
C LEU C 31 -43.69 -30.78 9.06
N SER C 32 -43.68 -29.45 9.24
CA SER C 32 -44.41 -28.55 8.39
C SER C 32 -43.54 -28.09 7.26
N MET C 33 -42.31 -28.61 7.22
CA MET C 33 -41.35 -28.28 6.17
C MET C 33 -40.49 -29.48 5.85
N GLN C 34 -41.10 -30.57 5.42
CA GLN C 34 -40.32 -31.68 4.96
C GLN C 34 -39.74 -31.44 3.57
N ASN C 35 -40.50 -30.79 2.68
CA ASN C 35 -40.06 -30.68 1.30
C ASN C 35 -40.09 -29.25 0.83
N VAL C 36 -38.93 -28.60 0.73
CA VAL C 36 -38.87 -27.16 0.35
C VAL C 36 -38.63 -27.06 -1.15
N LEU C 37 -39.35 -26.15 -1.80
CA LEU C 37 -39.11 -25.88 -3.20
C LEU C 37 -38.60 -24.48 -3.33
N ILE C 38 -37.42 -24.37 -3.93
CA ILE C 38 -36.89 -23.12 -4.38
C ILE C 38 -37.24 -22.88 -5.84
N VAL C 39 -38.12 -21.89 -6.10
CA VAL C 39 -38.52 -21.48 -7.45
C VAL C 39 -37.63 -20.29 -7.88
N GLY C 40 -36.77 -20.52 -8.87
CA GLY C 40 -35.77 -19.54 -9.30
C GLY C 40 -34.52 -19.82 -8.49
N VAL C 41 -33.64 -20.69 -8.99
CA VAL C 41 -32.49 -21.03 -8.21
C VAL C 41 -31.30 -20.11 -8.57
N GLY C 42 -31.32 -18.88 -8.10
CA GLY C 42 -30.28 -17.91 -8.46
C GLY C 42 -29.67 -17.42 -7.18
N PHE C 43 -29.31 -16.13 -7.14
CA PHE C 43 -28.55 -15.63 -5.99
C PHE C 43 -29.43 -15.69 -4.71
N MET C 44 -30.65 -15.17 -4.79
CA MET C 44 -31.53 -15.16 -3.60
C MET C 44 -32.09 -16.57 -3.26
N GLY C 45 -32.46 -17.36 -4.29
CA GLY C 45 -32.98 -18.69 -4.03
C GLY C 45 -31.87 -19.58 -3.45
N GLY C 46 -30.67 -19.51 -4.03
CA GLY C 46 -29.54 -20.24 -3.46
C GLY C 46 -29.19 -19.76 -2.05
N SER C 47 -29.22 -18.44 -1.82
CA SER C 47 -28.86 -17.93 -0.50
C SER C 47 -29.88 -18.45 0.50
N PHE C 48 -31.13 -18.39 0.12
CA PHE C 48 -32.14 -18.99 0.98
C PHE C 48 -31.88 -20.50 1.23
N ALA C 49 -31.64 -21.29 0.17
CA ALA C 49 -31.33 -22.73 0.35
C ALA C 49 -30.13 -23.02 1.27
N LYS C 50 -29.03 -22.33 1.03
CA LYS C 50 -27.86 -22.44 1.86
C LYS C 50 -28.11 -21.97 3.31
N SER C 51 -28.80 -20.84 3.46
CA SER C 51 -29.07 -20.35 4.81
C SER C 51 -29.90 -21.40 5.60
N LEU C 52 -30.85 -22.02 4.92
CA LEU C 52 -31.73 -22.94 5.59
C LEU C 52 -30.91 -24.16 6.06
N ARG C 53 -30.05 -24.68 5.20
CA ARG C 53 -29.16 -25.79 5.48
C ARG C 53 -28.10 -25.46 6.58
N ARG C 54 -27.50 -24.27 6.52
CA ARG C 54 -26.66 -23.79 7.62
C ARG C 54 -27.41 -23.73 9.00
N SER C 55 -28.68 -23.33 8.99
CA SER C 55 -29.48 -23.25 10.21
C SER C 55 -29.87 -24.64 10.78
N GLY C 56 -29.54 -25.70 10.06
CA GLY C 56 -29.58 -27.05 10.63
C GLY C 56 -30.79 -27.82 10.13
N PHE C 57 -31.45 -27.23 9.13
CA PHE C 57 -32.65 -27.81 8.52
C PHE C 57 -32.35 -29.22 7.98
N LYS C 58 -33.29 -30.14 8.20
CA LYS C 58 -33.05 -31.57 7.83
C LYS C 58 -33.86 -32.16 6.67
N GLY C 59 -34.80 -31.41 6.10
CA GLY C 59 -35.60 -31.96 5.01
C GLY C 59 -34.98 -31.85 3.63
N LYS C 60 -35.79 -32.08 2.63
CA LYS C 60 -35.32 -32.02 1.29
C LYS C 60 -35.45 -30.59 0.77
N ILE C 61 -34.51 -30.22 -0.12
CA ILE C 61 -34.63 -28.93 -0.79
C ILE C 61 -34.59 -29.15 -2.27
N TYR C 62 -35.66 -28.76 -2.95
CA TYR C 62 -35.77 -28.92 -4.38
C TYR C 62 -35.73 -27.60 -5.11
N GLY C 63 -35.32 -27.65 -6.36
CA GLY C 63 -35.25 -26.43 -7.16
C GLY C 63 -36.09 -26.54 -8.40
N TYR C 64 -36.73 -25.46 -8.77
CA TYR C 64 -37.39 -25.41 -10.06
C TYR C 64 -36.92 -24.13 -10.70
N ASP C 65 -36.51 -24.23 -11.96
CA ASP C 65 -35.93 -23.10 -12.66
C ASP C 65 -36.15 -23.25 -14.15
N ILE C 66 -36.21 -22.12 -14.86
CA ILE C 66 -36.41 -22.15 -16.32
C ILE C 66 -35.05 -22.40 -17.02
N ASN C 67 -33.96 -22.17 -16.29
CA ASN C 67 -32.63 -22.36 -16.84
C ASN C 67 -32.02 -23.64 -16.28
N PRO C 68 -31.68 -24.62 -17.14
CA PRO C 68 -31.23 -25.94 -16.68
C PRO C 68 -29.85 -25.84 -16.04
N GLU C 69 -29.08 -24.86 -16.48
CA GLU C 69 -27.79 -24.51 -15.90
C GLU C 69 -27.85 -24.08 -14.42
N SER C 70 -28.89 -23.32 -14.07
CA SER C 70 -29.18 -22.94 -12.69
C SER C 70 -29.36 -24.21 -11.83
N ILE C 71 -30.09 -25.19 -12.38
CA ILE C 71 -30.30 -26.45 -11.68
C ILE C 71 -29.01 -27.27 -11.52
N SER C 72 -28.30 -27.57 -12.62
CA SER C 72 -27.11 -28.42 -12.50
C SER C 72 -26.04 -27.75 -11.61
N LYS C 73 -25.81 -26.46 -11.79
CA LYS C 73 -24.92 -25.75 -10.87
C LYS C 73 -25.34 -25.93 -9.39
N ALA C 74 -26.62 -25.76 -9.09
CA ALA C 74 -27.07 -25.83 -7.70
C ALA C 74 -26.89 -27.26 -7.14
N VAL C 75 -27.21 -28.27 -7.95
CA VAL C 75 -26.90 -29.69 -7.62
C VAL C 75 -25.41 -29.95 -7.40
N ASP C 76 -24.58 -29.51 -8.33
CA ASP C 76 -23.11 -29.67 -8.23
C ASP C 76 -22.48 -29.06 -7.00
N LEU C 77 -23.09 -27.96 -6.52
CA LEU C 77 -22.68 -27.24 -5.32
C LEU C 77 -23.40 -27.78 -4.10
N GLY C 78 -24.25 -28.78 -4.26
CA GLY C 78 -24.91 -29.37 -3.09
C GLY C 78 -25.85 -28.44 -2.35
N ILE C 79 -26.47 -27.53 -3.12
CA ILE C 79 -27.38 -26.50 -2.63
C ILE C 79 -28.83 -27.02 -2.62
N ILE C 80 -29.19 -27.76 -3.69
CA ILE C 80 -30.46 -28.46 -3.75
C ILE C 80 -30.22 -29.94 -3.93
N ASP C 81 -31.14 -30.75 -3.43
CA ASP C 81 -31.07 -32.18 -3.55
C ASP C 81 -31.23 -32.62 -5.02
N GLU C 82 -32.01 -31.84 -5.74
CA GLU C 82 -32.52 -32.25 -7.04
C GLU C 82 -33.35 -31.10 -7.59
N GLY C 83 -33.44 -31.00 -8.90
CA GLY C 83 -34.29 -29.97 -9.43
C GLY C 83 -34.69 -30.39 -10.83
N THR C 84 -35.39 -29.48 -11.52
CA THR C 84 -35.99 -29.75 -12.82
C THR C 84 -36.30 -28.41 -13.45
N THR C 85 -36.44 -28.46 -14.76
CA THR C 85 -36.84 -27.33 -15.61
C THR C 85 -38.32 -27.45 -16.06
N SER C 86 -39.00 -28.53 -15.66
CA SER C 86 -40.45 -28.75 -15.93
C SER C 86 -41.37 -28.52 -14.72
N ILE C 87 -42.35 -27.65 -14.87
CA ILE C 87 -43.17 -27.30 -13.74
C ILE C 87 -44.00 -28.52 -13.29
N ALA C 88 -44.38 -29.37 -14.26
CA ALA C 88 -45.25 -30.49 -13.96
C ALA C 88 -44.53 -31.43 -13.01
N LYS C 89 -43.22 -31.57 -13.23
CA LYS C 89 -42.40 -32.49 -12.44
C LYS C 89 -42.34 -32.06 -10.98
N VAL C 90 -42.63 -30.80 -10.72
CA VAL C 90 -42.64 -30.32 -9.33
C VAL C 90 -43.55 -31.20 -8.46
N GLU C 91 -44.67 -31.66 -9.02
CA GLU C 91 -45.59 -32.56 -8.30
C GLU C 91 -44.93 -33.78 -7.65
N ASP C 92 -43.92 -34.35 -8.31
CA ASP C 92 -43.19 -35.47 -7.73
C ASP C 92 -42.40 -35.07 -6.50
N PHE C 93 -42.06 -33.78 -6.43
CA PHE C 93 -41.37 -33.23 -5.26
C PHE C 93 -42.32 -33.11 -4.08
N SER C 94 -43.63 -33.13 -4.31
CA SER C 94 -44.63 -32.90 -3.21
C SER C 94 -44.14 -31.81 -2.23
N PRO C 95 -43.89 -30.59 -2.75
CA PRO C 95 -43.43 -29.53 -1.86
C PRO C 95 -44.47 -29.10 -0.83
N ASP C 96 -44.02 -28.80 0.37
CA ASP C 96 -44.95 -28.33 1.36
C ASP C 96 -44.60 -26.90 1.73
N PHE C 97 -43.50 -26.37 1.18
CA PHE C 97 -43.04 -25.01 1.52
C PHE C 97 -42.28 -24.44 0.35
N VAL C 98 -42.82 -23.40 -0.26
CA VAL C 98 -42.30 -22.96 -1.53
C VAL C 98 -41.81 -21.56 -1.35
N MET C 99 -40.59 -21.26 -1.84
CA MET C 99 -40.08 -19.90 -1.70
C MET C 99 -39.89 -19.34 -3.11
N LEU C 100 -40.75 -18.38 -3.47
CA LEU C 100 -40.74 -17.83 -4.84
C LEU C 100 -39.55 -16.86 -4.89
N SER C 101 -38.63 -17.06 -5.84
CA SER C 101 -37.36 -16.31 -5.86
C SER C 101 -36.92 -16.05 -7.29
N SER C 102 -37.85 -15.99 -8.20
CA SER C 102 -37.51 -15.68 -9.58
C SER C 102 -37.84 -14.23 -9.73
N PRO C 103 -37.71 -13.68 -10.93
CA PRO C 103 -38.02 -12.26 -11.12
C PRO C 103 -39.50 -12.06 -10.81
N VAL C 104 -39.82 -10.90 -10.30
CA VAL C 104 -41.11 -10.67 -9.65
C VAL C 104 -42.31 -10.83 -10.62
N ARG C 105 -42.13 -10.46 -11.90
CA ARG C 105 -43.21 -10.69 -12.89
C ARG C 105 -43.44 -12.14 -13.34
N THR C 106 -42.64 -13.09 -12.87
CA THR C 106 -42.86 -14.50 -13.21
C THR C 106 -43.84 -15.11 -12.19
N PHE C 107 -44.12 -14.41 -11.07
CA PHE C 107 -44.85 -15.01 -9.93
C PHE C 107 -46.29 -15.43 -10.22
N ARG C 108 -47.08 -14.55 -10.87
CA ARG C 108 -48.48 -14.80 -11.19
C ARG C 108 -48.68 -16.13 -11.93
N GLU C 109 -47.96 -16.31 -13.05
CA GLU C 109 -48.16 -17.51 -13.92
C GLU C 109 -47.60 -18.77 -13.28
N ILE C 110 -46.44 -18.65 -12.63
CA ILE C 110 -45.93 -19.75 -11.78
C ILE C 110 -46.96 -20.15 -10.73
N ALA C 111 -47.51 -19.17 -10.02
CA ALA C 111 -48.53 -19.42 -8.99
C ALA C 111 -49.71 -20.16 -9.57
N LYS C 112 -50.25 -19.69 -10.69
CA LYS C 112 -51.37 -20.34 -11.36
C LYS C 112 -51.05 -21.83 -11.50
N LYS C 113 -49.80 -22.15 -11.85
CA LYS C 113 -49.48 -23.53 -12.17
C LYS C 113 -49.47 -24.30 -10.88
N LEU C 114 -48.86 -23.69 -9.89
CA LEU C 114 -48.67 -24.28 -8.59
C LEU C 114 -49.97 -24.60 -7.89
N SER C 115 -50.97 -23.75 -8.09
CA SER C 115 -52.24 -23.94 -7.41
C SER C 115 -52.87 -25.31 -7.72
N TYR C 116 -52.57 -25.86 -8.90
CA TYR C 116 -53.12 -27.14 -9.35
C TYR C 116 -52.31 -28.29 -8.80
N ILE C 117 -51.02 -28.01 -8.59
CA ILE C 117 -50.03 -29.00 -8.29
C ILE C 117 -49.73 -29.13 -6.79
N LEU C 118 -49.87 -28.03 -6.06
CA LEU C 118 -49.61 -28.06 -4.62
C LEU C 118 -50.82 -28.45 -3.83
N SER C 119 -50.58 -29.12 -2.71
CA SER C 119 -51.70 -29.44 -1.88
C SER C 119 -52.11 -28.19 -1.15
N GLU C 120 -53.36 -28.23 -0.71
CA GLU C 120 -54.04 -27.22 0.02
C GLU C 120 -53.27 -26.84 1.28
N ASP C 121 -52.53 -27.78 1.85
CA ASP C 121 -51.86 -27.55 3.13
C ASP C 121 -50.47 -26.91 3.02
N ALA C 122 -49.97 -26.75 1.80
CA ALA C 122 -48.65 -26.18 1.60
C ALA C 122 -48.62 -24.67 1.86
N THR C 123 -47.44 -24.15 2.14
CA THR C 123 -47.24 -22.73 2.30
C THR C 123 -46.43 -22.26 1.12
N VAL C 124 -46.87 -21.16 0.49
CA VAL C 124 -46.10 -20.49 -0.58
C VAL C 124 -45.69 -19.09 -0.09
N THR C 125 -44.38 -18.79 -0.07
CA THR C 125 -44.01 -17.43 0.29
C THR C 125 -43.01 -16.94 -0.76
N ASP C 126 -42.47 -15.73 -0.60
CA ASP C 126 -41.65 -15.16 -1.69
C ASP C 126 -40.59 -14.24 -1.11
N GLN C 127 -39.61 -13.94 -1.97
CA GLN C 127 -38.53 -13.01 -1.66
C GLN C 127 -38.64 -11.78 -2.54
N GLY C 128 -39.73 -11.60 -3.27
CA GLY C 128 -39.74 -10.53 -4.29
C GLY C 128 -39.64 -9.12 -3.71
N SER C 129 -39.00 -8.23 -4.47
CA SER C 129 -38.77 -6.84 -4.07
C SER C 129 -39.98 -5.93 -4.23
N VAL C 130 -41.06 -6.45 -4.80
CA VAL C 130 -42.34 -5.71 -4.88
C VAL C 130 -43.44 -6.54 -4.22
N LYS C 131 -44.36 -5.84 -3.57
CA LYS C 131 -45.47 -6.49 -2.84
C LYS C 131 -46.73 -5.88 -3.39
N GLY C 132 -47.36 -4.93 -2.74
CA GLY C 132 -48.48 -4.26 -3.42
C GLY C 132 -49.58 -5.21 -3.94
N LYS C 133 -50.10 -4.87 -5.11
CA LYS C 133 -51.23 -5.60 -5.67
C LYS C 133 -50.86 -7.07 -5.92
N LEU C 134 -49.59 -7.32 -6.19
CA LEU C 134 -49.13 -8.66 -6.40
C LEU C 134 -49.46 -9.58 -5.23
N VAL C 135 -49.33 -9.09 -3.99
CA VAL C 135 -49.74 -9.90 -2.82
C VAL C 135 -51.18 -10.35 -2.94
N TYR C 136 -52.10 -9.40 -3.21
CA TYR C 136 -53.52 -9.68 -3.37
C TYR C 136 -53.78 -10.64 -4.55
N ASP C 137 -53.16 -10.36 -5.70
CA ASP C 137 -53.36 -11.21 -6.85
C ASP C 137 -52.93 -12.60 -6.43
N LEU C 138 -51.80 -12.72 -5.70
CA LEU C 138 -51.26 -14.04 -5.36
C LEU C 138 -52.11 -14.79 -4.35
N GLU C 139 -52.72 -14.05 -3.41
CA GLU C 139 -53.64 -14.64 -2.43
C GLU C 139 -54.88 -15.18 -3.12
N ASN C 140 -55.39 -14.44 -4.11
CA ASN C 140 -56.51 -14.94 -4.89
C ASN C 140 -56.20 -16.17 -5.72
N ILE C 141 -54.98 -16.26 -6.22
CA ILE C 141 -54.60 -17.41 -6.99
C ILE C 141 -54.34 -18.64 -6.08
N LEU C 142 -53.65 -18.41 -4.96
CA LEU C 142 -53.11 -19.50 -4.13
C LEU C 142 -53.93 -19.83 -2.89
N GLY C 143 -54.94 -18.99 -2.64
CA GLY C 143 -55.76 -19.04 -1.43
C GLY C 143 -54.96 -18.78 -0.18
N LYS C 144 -55.34 -19.51 0.84
CA LYS C 144 -54.67 -19.53 2.15
C LYS C 144 -53.20 -19.90 2.16
N ARG C 145 -52.71 -20.44 1.06
CA ARG C 145 -51.31 -20.86 0.96
C ARG C 145 -50.27 -19.70 1.09
N PHE C 146 -50.68 -18.49 0.71
CA PHE C 146 -49.73 -17.44 0.41
C PHE C 146 -49.39 -16.39 1.51
N VAL C 147 -48.10 -16.11 1.67
CA VAL C 147 -47.61 -15.08 2.61
C VAL C 147 -46.58 -14.28 1.84
N GLY C 148 -46.78 -12.95 1.77
CA GLY C 148 -45.88 -12.09 0.99
C GLY C 148 -44.71 -11.71 1.86
N GLY C 149 -43.50 -11.83 1.31
CA GLY C 149 -42.27 -11.47 2.01
C GLY C 149 -41.27 -10.75 1.11
N HIS C 150 -40.35 -10.07 1.74
CA HIS C 150 -39.25 -9.37 1.07
C HIS C 150 -38.05 -9.19 2.06
N PRO C 151 -36.99 -9.97 1.91
CA PRO C 151 -35.79 -9.74 2.73
C PRO C 151 -35.01 -8.51 2.23
N ILE C 152 -34.61 -7.62 3.12
CA ILE C 152 -33.96 -6.40 2.63
C ILE C 152 -32.47 -6.71 2.71
N ALA C 153 -31.98 -7.47 1.72
CA ALA C 153 -30.61 -8.04 1.71
C ALA C 153 -30.27 -8.45 0.28
N GLY C 154 -29.12 -8.09 -0.20
CA GLY C 154 -28.70 -8.62 -1.47
C GLY C 154 -27.49 -7.81 -1.88
N THR C 155 -26.82 -8.22 -2.95
CA THR C 155 -25.70 -7.46 -3.44
C THR C 155 -26.06 -7.23 -4.91
N GLU C 156 -25.09 -6.78 -5.72
CA GLU C 156 -25.30 -6.59 -7.15
C GLU C 156 -25.16 -7.89 -7.92
N LYS C 157 -24.65 -8.94 -7.28
CA LYS C 157 -24.35 -10.21 -7.93
C LYS C 157 -25.63 -10.91 -8.21
N SER C 158 -25.57 -11.83 -9.18
CA SER C 158 -26.75 -12.64 -9.42
C SER C 158 -26.30 -13.99 -9.92
N GLY C 159 -27.15 -15.01 -9.74
CA GLY C 159 -26.77 -16.42 -10.02
C GLY C 159 -26.40 -17.21 -8.79
N VAL C 160 -26.76 -18.49 -8.81
CA VAL C 160 -26.63 -19.35 -7.65
C VAL C 160 -25.17 -19.44 -7.17
N GLU C 161 -24.21 -19.28 -8.08
CA GLU C 161 -22.77 -19.31 -7.76
C GLU C 161 -22.38 -18.25 -6.72
N TYR C 162 -23.10 -17.13 -6.74
CA TYR C 162 -22.80 -16.07 -5.79
C TYR C 162 -23.57 -16.18 -4.45
N SER C 163 -24.38 -17.24 -4.28
CA SER C 163 -25.18 -17.25 -3.08
C SER C 163 -24.35 -17.50 -1.80
N LEU C 164 -24.92 -17.10 -0.67
CA LEU C 164 -24.20 -17.01 0.60
C LEU C 164 -25.12 -17.58 1.65
N ASP C 165 -24.54 -18.30 2.59
CA ASP C 165 -25.28 -19.06 3.54
C ASP C 165 -25.52 -18.23 4.78
N ASN C 166 -24.98 -17.02 4.80
CA ASN C 166 -25.26 -16.03 5.85
C ASN C 166 -25.87 -14.71 5.34
N LEU C 167 -26.45 -14.74 4.15
CA LEU C 167 -26.96 -13.52 3.52
C LEU C 167 -27.97 -12.73 4.38
N TYR C 168 -28.87 -13.41 5.05
CA TYR C 168 -29.92 -12.71 5.78
C TYR C 168 -29.54 -12.36 7.23
N GLU C 169 -28.34 -12.74 7.66
CA GLU C 169 -27.95 -12.59 9.07
C GLU C 169 -28.01 -11.13 9.51
N GLY C 170 -28.96 -10.82 10.40
CA GLY C 170 -29.10 -9.49 10.98
C GLY C 170 -29.73 -8.49 10.03
N LYS C 171 -30.40 -8.97 8.98
CA LYS C 171 -31.01 -8.07 7.97
C LYS C 171 -32.48 -8.05 8.22
N LYS C 172 -33.12 -6.92 7.91
CA LYS C 172 -34.58 -6.80 7.97
C LYS C 172 -35.24 -7.67 6.91
N VAL C 173 -36.34 -8.30 7.29
CA VAL C 173 -37.22 -8.99 6.35
C VAL C 173 -38.61 -8.42 6.54
N ILE C 174 -39.23 -8.00 5.44
CA ILE C 174 -40.55 -7.44 5.59
C ILE C 174 -41.57 -8.49 5.21
N LEU C 175 -42.50 -8.79 6.10
CA LEU C 175 -43.68 -9.59 5.72
C LEU C 175 -44.89 -8.65 5.51
N THR C 176 -45.78 -8.97 4.56
CA THR C 176 -46.92 -8.10 4.32
C THR C 176 -48.23 -8.88 4.50
N PRO C 177 -48.56 -9.25 5.76
CA PRO C 177 -49.85 -9.97 5.87
C PRO C 177 -51.03 -8.99 5.63
N THR C 178 -52.21 -9.54 5.30
CA THR C 178 -53.46 -8.78 5.13
C THR C 178 -54.54 -9.53 5.92
N LYS C 179 -55.76 -8.97 5.90
CA LYS C 179 -57.00 -9.60 6.33
C LYS C 179 -56.98 -11.10 6.13
N LYS C 180 -56.58 -11.51 4.94
CA LYS C 180 -56.78 -12.89 4.52
C LYS C 180 -55.65 -13.84 4.92
N THR C 181 -54.61 -13.33 5.57
CA THR C 181 -53.45 -14.16 5.80
C THR C 181 -53.67 -15.20 6.88
N ASP C 182 -53.28 -16.41 6.55
CA ASP C 182 -53.43 -17.50 7.48
C ASP C 182 -52.34 -17.31 8.56
N LYS C 183 -52.79 -17.26 9.79
CA LYS C 183 -51.96 -16.98 10.92
C LYS C 183 -50.89 -18.07 11.16
N LYS C 184 -51.24 -19.34 11.02
CA LYS C 184 -50.26 -20.41 11.22
C LYS C 184 -49.10 -20.29 10.22
N ARG C 185 -49.41 -19.88 8.99
CA ARG C 185 -48.40 -19.82 7.97
C ARG C 185 -47.58 -18.55 8.20
N LEU C 186 -48.24 -17.48 8.63
CA LEU C 186 -47.53 -16.27 8.98
C LEU C 186 -46.48 -16.55 10.08
N LYS C 187 -46.89 -17.22 11.16
CA LYS C 187 -45.94 -17.63 12.23
C LYS C 187 -44.83 -18.53 11.68
N LEU C 188 -45.20 -19.52 10.87
CA LEU C 188 -44.22 -20.38 10.23
C LEU C 188 -43.15 -19.56 9.45
N VAL C 189 -43.61 -18.70 8.53
CA VAL C 189 -42.70 -17.96 7.61
C VAL C 189 -41.78 -17.04 8.46
N LYS C 190 -42.39 -16.40 9.46
CA LYS C 190 -41.66 -15.51 10.32
C LYS C 190 -40.51 -16.27 11.01
N ARG C 191 -40.84 -17.38 11.67
CA ARG C 191 -39.81 -18.19 12.36
C ARG C 191 -38.77 -18.75 11.37
N VAL C 192 -39.15 -19.14 10.15
CA VAL C 192 -38.13 -19.52 9.19
C VAL C 192 -37.13 -18.37 8.91
N TRP C 193 -37.64 -17.15 8.72
CA TRP C 193 -36.73 -16.01 8.45
C TRP C 193 -35.84 -15.70 9.65
N GLU C 194 -36.41 -15.75 10.86
CA GLU C 194 -35.62 -15.52 12.07
C GLU C 194 -34.60 -16.65 12.27
N ASP C 195 -34.98 -17.87 11.91
CA ASP C 195 -34.02 -18.99 11.92
C ASP C 195 -32.82 -18.80 11.03
N VAL C 196 -32.97 -18.07 9.90
CA VAL C 196 -31.82 -17.84 9.00
C VAL C 196 -31.12 -16.50 9.31
N GLY C 197 -31.52 -15.86 10.40
CA GLY C 197 -30.89 -14.61 10.76
C GLY C 197 -31.69 -13.33 10.57
N GLY C 198 -32.85 -13.42 9.97
CA GLY C 198 -33.55 -12.19 9.60
C GLY C 198 -34.24 -11.54 10.79
N VAL C 199 -34.64 -10.27 10.68
CA VAL C 199 -35.38 -9.59 11.75
C VAL C 199 -36.69 -9.09 11.13
N VAL C 200 -37.80 -9.72 11.52
CA VAL C 200 -39.02 -9.55 10.81
C VAL C 200 -39.80 -8.35 11.32
N GLU C 201 -40.39 -7.62 10.39
CA GLU C 201 -41.37 -6.59 10.70
C GLU C 201 -42.48 -6.69 9.67
N TYR C 202 -43.63 -6.04 9.93
CA TYR C 202 -44.71 -6.10 8.97
C TYR C 202 -44.97 -4.75 8.34
N MET C 203 -45.45 -4.77 7.11
CA MET C 203 -46.03 -3.57 6.49
C MET C 203 -47.17 -4.05 5.66
N SER C 204 -48.08 -3.15 5.35
CA SER C 204 -49.09 -3.44 4.41
C SER C 204 -48.42 -3.57 3.06
N PRO C 205 -49.07 -4.29 2.16
CA PRO C 205 -48.47 -4.43 0.84
C PRO C 205 -48.26 -3.09 0.15
N GLU C 206 -49.16 -2.15 0.38
CA GLU C 206 -49.13 -0.85 -0.30
C GLU C 206 -48.10 0.06 0.35
N LEU C 207 -48.01 0.02 1.70
CA LEU C 207 -46.99 0.83 2.36
C LEU C 207 -45.63 0.34 1.91
N HIS C 208 -45.49 -0.99 1.83
CA HIS C 208 -44.22 -1.62 1.39
C HIS C 208 -43.77 -1.05 0.05
N ASP C 209 -44.70 -1.04 -0.90
CA ASP C 209 -44.35 -0.55 -2.27
C ASP C 209 -43.99 0.95 -2.36
N TYR C 210 -44.51 1.75 -1.45
CA TYR C 210 -44.12 3.17 -1.41
C TYR C 210 -42.75 3.38 -0.71
N VAL C 211 -42.59 2.80 0.47
CA VAL C 211 -41.29 2.80 1.15
C VAL C 211 -40.16 2.32 0.23
N PHE C 212 -40.28 1.13 -0.34
CA PHE C 212 -39.20 0.64 -1.12
C PHE C 212 -39.11 1.29 -2.51
N GLY C 213 -40.23 1.86 -2.97
CA GLY C 213 -40.19 2.66 -4.18
C GLY C 213 -39.19 3.78 -3.95
N VAL C 214 -39.29 4.44 -2.82
CA VAL C 214 -38.43 5.61 -2.60
C VAL C 214 -37.00 5.24 -2.16
N VAL C 215 -36.90 4.27 -1.29
CA VAL C 215 -35.61 3.98 -0.62
C VAL C 215 -34.76 2.93 -1.36
N SER C 216 -35.37 2.17 -2.26
CA SER C 216 -34.60 1.12 -2.97
C SER C 216 -34.74 1.27 -4.46
N HIS C 217 -35.98 1.42 -4.95
CA HIS C 217 -36.15 1.43 -6.42
C HIS C 217 -35.65 2.72 -7.02
N LEU C 218 -35.90 3.85 -6.36
CA LEU C 218 -35.44 5.13 -6.93
C LEU C 218 -33.89 5.23 -6.96
N PRO C 219 -33.21 4.88 -5.85
CA PRO C 219 -31.69 4.89 -5.86
C PRO C 219 -31.10 4.01 -6.96
N HIS C 220 -31.68 2.85 -7.19
CA HIS C 220 -31.30 2.09 -8.39
C HIS C 220 -31.58 2.82 -9.72
N ALA C 221 -32.77 3.38 -9.86
CA ALA C 221 -33.08 4.10 -11.09
C ALA C 221 -32.02 5.22 -11.31
N VAL C 222 -31.66 5.91 -10.21
CA VAL C 222 -30.69 6.99 -10.22
C VAL C 222 -29.27 6.48 -10.58
N ALA C 223 -28.85 5.36 -9.96
CA ALA C 223 -27.59 4.78 -10.32
C ALA C 223 -27.53 4.35 -11.78
N PHE C 224 -28.56 3.65 -12.27
CA PHE C 224 -28.59 3.29 -13.67
C PHE C 224 -28.45 4.46 -14.60
N ALA C 225 -29.22 5.50 -14.33
CA ALA C 225 -29.20 6.68 -15.20
C ALA C 225 -27.89 7.41 -15.10
N LEU C 226 -27.27 7.42 -13.93
CA LEU C 226 -25.92 8.03 -13.81
C LEU C 226 -24.94 7.38 -14.78
N VAL C 227 -24.87 6.05 -14.78
CA VAL C 227 -23.97 5.37 -15.72
C VAL C 227 -24.38 5.67 -17.18
N ASP C 228 -25.68 5.68 -17.45
CA ASP C 228 -26.13 5.96 -18.79
C ASP C 228 -25.71 7.35 -19.20
N THR C 229 -25.71 8.32 -18.29
CA THR C 229 -25.24 9.66 -18.61
C THR C 229 -23.79 9.68 -19.15
N LEU C 230 -22.87 8.94 -18.51
CA LEU C 230 -21.50 8.86 -18.98
C LEU C 230 -21.36 8.20 -20.32
N ILE C 231 -22.23 7.23 -20.62
CA ILE C 231 -22.28 6.72 -22.01
C ILE C 231 -22.55 7.81 -23.06
N HIS C 232 -23.66 8.54 -22.93
CA HIS C 232 -23.99 9.47 -24.02
C HIS C 232 -23.23 10.79 -23.99
N MET C 233 -22.65 11.10 -22.84
CA MET C 233 -21.90 12.33 -22.72
C MET C 233 -20.45 12.12 -23.12
N SER C 234 -20.06 10.86 -23.31
CA SER C 234 -18.76 10.53 -23.84
C SER C 234 -18.74 10.90 -25.31
N THR C 235 -17.52 11.12 -25.86
CA THR C 235 -17.26 11.34 -27.30
C THR C 235 -16.20 10.32 -27.82
N PRO C 236 -16.04 10.15 -29.13
CA PRO C 236 -14.99 9.16 -29.41
C PRO C 236 -13.55 9.56 -28.95
N GLU C 237 -13.34 10.83 -28.64
CA GLU C 237 -12.05 11.34 -28.20
C GLU C 237 -11.97 11.40 -26.68
N VAL C 238 -13.12 11.48 -26.01
CA VAL C 238 -13.15 11.48 -24.55
C VAL C 238 -14.13 10.43 -23.99
N ASP C 239 -13.51 9.40 -23.42
CA ASP C 239 -14.15 8.29 -22.75
C ASP C 239 -14.23 8.68 -21.30
N LEU C 240 -15.40 9.09 -20.85
CA LEU C 240 -15.63 9.49 -19.46
C LEU C 240 -15.36 8.34 -18.49
N PHE C 241 -15.41 7.09 -19.00
CA PHE C 241 -15.16 5.92 -18.13
C PHE C 241 -13.70 5.80 -17.68
N LYS C 242 -12.78 6.55 -18.29
CA LYS C 242 -11.38 6.54 -17.83
C LYS C 242 -11.21 7.28 -16.49
N TYR C 243 -12.26 7.94 -16.01
CA TYR C 243 -12.15 8.85 -14.83
C TYR C 243 -13.12 8.45 -13.72
N PRO C 244 -12.94 7.27 -13.12
CA PRO C 244 -14.06 6.88 -12.28
C PRO C 244 -13.74 7.27 -10.85
N GLY C 245 -14.65 7.08 -9.90
CA GLY C 245 -14.28 7.47 -8.55
C GLY C 245 -13.47 8.79 -8.67
N GLY C 246 -14.09 9.77 -9.34
CA GLY C 246 -14.13 11.12 -8.82
C GLY C 246 -15.33 11.09 -7.89
N GLY C 247 -15.97 9.90 -7.81
CA GLY C 247 -17.03 9.46 -6.84
C GLY C 247 -18.11 8.62 -7.54
N PHE C 248 -18.02 8.58 -8.83
CA PHE C 248 -18.98 7.85 -9.61
C PHE C 248 -19.07 6.35 -9.20
N LYS C 249 -17.90 5.71 -8.98
CA LYS C 249 -17.77 4.26 -8.78
C LYS C 249 -18.58 3.81 -7.54
N ASP C 250 -18.48 4.61 -6.50
CA ASP C 250 -19.05 4.32 -5.19
C ASP C 250 -20.56 4.36 -5.25
N PHE C 251 -21.07 5.36 -5.97
CA PHE C 251 -22.48 5.52 -6.04
C PHE C 251 -23.10 4.60 -7.09
N THR C 252 -22.33 3.95 -7.95
CA THR C 252 -23.02 3.14 -8.97
C THR C 252 -22.75 1.64 -8.91
N ARG C 253 -22.26 1.13 -7.78
CA ARG C 253 -22.14 -0.34 -7.58
C ARG C 253 -23.45 -1.03 -7.93
N ILE C 254 -24.58 -0.44 -7.54
CA ILE C 254 -25.82 -1.15 -7.80
C ILE C 254 -26.25 -1.06 -9.27
N ALA C 255 -25.59 -0.30 -10.10
CA ALA C 255 -25.93 -0.31 -11.55
C ALA C 255 -25.34 -1.57 -12.24
N LYS C 256 -24.54 -2.35 -11.52
CA LYS C 256 -24.17 -3.72 -12.01
C LYS C 256 -25.21 -4.84 -11.69
N SER C 257 -26.31 -4.49 -11.07
CA SER C 257 -27.36 -5.47 -10.76
C SER C 257 -28.07 -6.03 -12.04
N ASP C 258 -28.91 -7.04 -11.84
CA ASP C 258 -29.42 -7.86 -12.93
C ASP C 258 -30.50 -7.11 -13.72
N PRO C 259 -30.38 -7.03 -15.05
CA PRO C 259 -31.36 -6.26 -15.87
C PRO C 259 -32.81 -6.81 -15.81
N ILE C 260 -32.98 -8.13 -15.72
CA ILE C 260 -34.32 -8.72 -15.69
C ILE C 260 -34.98 -8.49 -14.34
N MET C 261 -34.21 -8.69 -13.27
CA MET C 261 -34.71 -8.41 -11.92
C MET C 261 -35.21 -6.98 -11.88
N TRP C 262 -34.37 -6.08 -12.36
CA TRP C 262 -34.70 -4.66 -12.27
C TRP C 262 -35.77 -4.20 -13.26
N ARG C 263 -35.79 -4.72 -14.50
CA ARG C 263 -36.95 -4.45 -15.39
C ARG C 263 -38.28 -4.88 -14.74
N ASP C 264 -38.29 -6.06 -14.14
CA ASP C 264 -39.51 -6.52 -13.45
C ASP C 264 -39.89 -5.59 -12.33
N ILE C 265 -38.93 -5.24 -11.46
CA ILE C 265 -39.28 -4.38 -10.34
C ILE C 265 -39.85 -3.01 -10.79
N PHE C 266 -39.19 -2.37 -11.79
CA PHE C 266 -39.63 -1.08 -12.24
C PHE C 266 -41.05 -1.14 -12.89
N LEU C 267 -41.37 -2.20 -13.62
CA LEU C 267 -42.67 -2.35 -14.16
C LEU C 267 -43.70 -2.76 -13.12
N GLU C 268 -43.41 -3.77 -12.30
CA GLU C 268 -44.38 -4.15 -11.25
C GLU C 268 -44.68 -3.01 -10.25
N ASN C 269 -43.69 -2.18 -9.95
CA ASN C 269 -43.89 -1.09 -9.00
C ASN C 269 -44.01 0.25 -9.71
N LYS C 270 -44.42 0.21 -10.95
CA LYS C 270 -44.35 1.38 -11.82
C LYS C 270 -44.87 2.69 -11.20
N GLU C 271 -46.06 2.69 -10.58
CA GLU C 271 -46.67 3.96 -10.12
C GLU C 271 -45.84 4.61 -8.97
N ASN C 272 -45.53 3.84 -7.94
CA ASN C 272 -44.55 4.27 -6.91
C ASN C 272 -43.15 4.66 -7.43
N VAL C 273 -42.67 4.01 -8.46
CA VAL C 273 -41.31 4.33 -8.93
C VAL C 273 -41.41 5.75 -9.56
N MET C 274 -42.48 5.97 -10.33
CA MET C 274 -42.77 7.31 -10.88
C MET C 274 -42.95 8.43 -9.86
N LYS C 275 -43.78 8.15 -8.85
CA LYS C 275 -43.95 9.04 -7.70
C LYS C 275 -42.55 9.27 -7.04
N ALA C 276 -41.69 8.23 -6.91
CA ALA C 276 -40.39 8.48 -6.22
C ALA C 276 -39.47 9.35 -7.14
N ILE C 277 -39.39 8.98 -8.41
CA ILE C 277 -38.64 9.78 -9.35
C ILE C 277 -39.13 11.25 -9.45
N GLU C 278 -40.44 11.46 -9.46
CA GLU C 278 -41.02 12.84 -9.42
C GLU C 278 -40.60 13.64 -8.17
N GLY C 279 -40.63 12.99 -7.00
CA GLY C 279 -40.08 13.58 -5.77
C GLY C 279 -38.61 14.01 -5.94
N PHE C 280 -37.82 13.10 -6.47
CA PHE C 280 -36.40 13.31 -6.65
C PHE C 280 -36.15 14.46 -7.58
N GLU C 281 -36.84 14.44 -8.68
CA GLU C 281 -36.74 15.54 -9.63
C GLU C 281 -36.98 16.90 -8.98
N LYS C 282 -37.97 17.02 -8.12
CA LYS C 282 -38.24 18.30 -7.45
C LYS C 282 -37.07 18.70 -6.53
N SER C 283 -36.46 17.71 -5.92
CA SER C 283 -35.28 17.96 -5.11
C SER C 283 -34.14 18.39 -6.01
N LEU C 284 -33.91 17.64 -7.07
CA LEU C 284 -32.88 18.02 -8.01
C LEU C 284 -33.17 19.41 -8.59
N ASN C 285 -34.44 19.69 -8.92
CA ASN C 285 -34.74 21.02 -9.43
C ASN C 285 -34.51 22.09 -8.38
N HIS C 286 -34.83 21.82 -7.13
CA HIS C 286 -34.51 22.79 -6.10
C HIS C 286 -32.98 23.06 -6.03
N LEU C 287 -32.19 22.00 -6.04
CA LEU C 287 -30.74 22.10 -6.04
C LEU C 287 -30.22 22.88 -7.23
N LYS C 288 -30.71 22.56 -8.41
CA LYS C 288 -30.30 23.32 -9.62
C LYS C 288 -30.47 24.80 -9.42
N GLU C 289 -31.62 25.21 -8.88
CA GLU C 289 -31.92 26.62 -8.80
C GLU C 289 -31.04 27.33 -7.82
N LEU C 290 -30.70 26.65 -6.73
CA LEU C 290 -29.77 27.21 -5.74
C LEU C 290 -28.41 27.41 -6.42
N ILE C 291 -28.05 26.48 -7.31
CA ILE C 291 -26.75 26.55 -8.00
C ILE C 291 -26.76 27.71 -9.03
N VAL C 292 -27.68 27.64 -9.97
CA VAL C 292 -27.89 28.66 -10.98
C VAL C 292 -27.96 30.03 -10.35
N ARG C 293 -28.72 30.18 -9.28
CA ARG C 293 -28.87 31.54 -8.78
C ARG C 293 -27.82 31.90 -7.75
N GLU C 294 -26.84 31.03 -7.56
CA GLU C 294 -25.71 31.27 -6.68
C GLU C 294 -26.20 31.76 -5.29
N ALA C 295 -27.07 30.95 -4.67
CA ALA C 295 -27.55 31.25 -3.31
C ALA C 295 -26.60 30.61 -2.28
N GLU C 296 -25.62 31.37 -1.86
CA GLU C 296 -24.53 30.76 -1.11
C GLU C 296 -25.04 30.05 0.15
N GLU C 297 -25.83 30.76 0.95
CA GLU C 297 -26.33 30.27 2.24
C GLU C 297 -27.36 29.14 2.06
N GLU C 298 -28.32 29.34 1.17
CA GLU C 298 -29.37 28.34 0.97
C GLU C 298 -28.74 27.09 0.40
N LEU C 299 -27.79 27.24 -0.52
CA LEU C 299 -27.18 26.04 -1.12
C LEU C 299 -26.45 25.25 -0.05
N VAL C 300 -25.65 25.93 0.78
CA VAL C 300 -24.91 25.23 1.82
C VAL C 300 -25.88 24.56 2.86
N GLU C 301 -27.00 25.22 3.19
CA GLU C 301 -28.07 24.62 4.03
C GLU C 301 -28.66 23.31 3.44
N TYR C 302 -28.93 23.33 2.13
CA TYR C 302 -29.46 22.16 1.43
C TYR C 302 -28.46 21.03 1.55
N LEU C 303 -27.19 21.34 1.36
CA LEU C 303 -26.14 20.34 1.27
C LEU C 303 -25.82 19.77 2.67
N LYS C 304 -26.09 20.58 3.68
CA LYS C 304 -25.84 20.25 5.05
C LYS C 304 -26.78 19.14 5.50
N GLU C 305 -27.87 18.97 4.75
CA GLU C 305 -28.84 17.91 5.03
C GLU C 305 -28.23 16.53 5.08
N VAL C 306 -27.04 16.31 4.48
CA VAL C 306 -26.40 15.02 4.60
C VAL C 306 -25.87 14.75 6.01
N LYS C 307 -25.82 15.78 6.87
CA LYS C 307 -25.30 15.63 8.24
C LYS C 307 -26.36 15.25 9.26
N ILE C 308 -27.61 15.12 8.83
CA ILE C 308 -28.68 14.84 9.80
C ILE C 308 -28.55 13.44 10.41
N LYS C 309 -28.75 13.40 11.72
CA LYS C 309 -28.52 12.20 12.55
C LYS C 309 -29.21 10.90 12.07
N ARG C 310 -30.45 11.03 11.60
CA ARG C 310 -31.15 9.98 10.85
C ARG C 310 -30.29 9.37 9.74
N LEU D 28 45.42 18.91 -27.81
CA LEU D 28 45.68 20.19 -27.06
C LEU D 28 46.11 19.93 -25.59
N LYS D 29 45.18 19.45 -24.75
CA LYS D 29 45.38 19.30 -23.31
C LYS D 29 45.68 17.88 -22.95
N SER D 30 45.53 16.98 -23.91
CA SER D 30 45.96 15.59 -23.78
C SER D 30 47.47 15.55 -23.44
N LEU D 31 48.15 16.66 -23.71
CA LEU D 31 49.56 16.86 -23.40
C LEU D 31 49.88 16.64 -21.91
N SER D 32 48.93 17.02 -21.07
CA SER D 32 49.07 17.00 -19.63
C SER D 32 49.01 15.62 -18.98
N MET D 33 48.58 14.59 -19.73
CA MET D 33 48.40 13.26 -19.23
C MET D 33 48.51 12.29 -20.40
N GLN D 34 49.60 11.56 -20.50
CA GLN D 34 49.81 10.84 -21.75
C GLN D 34 49.88 9.34 -21.51
N ASN D 35 50.71 8.92 -20.53
CA ASN D 35 50.89 7.56 -20.11
C ASN D 35 50.39 7.28 -18.71
N VAL D 36 49.31 6.51 -18.57
CA VAL D 36 48.78 6.26 -17.27
C VAL D 36 49.29 4.87 -16.78
N LEU D 37 49.65 4.76 -15.51
CA LEU D 37 50.00 3.47 -14.96
C LEU D 37 48.98 3.16 -13.88
N ILE D 38 48.31 2.03 -14.03
CA ILE D 38 47.45 1.47 -12.99
C ILE D 38 48.30 0.45 -12.21
N VAL D 39 48.48 0.70 -10.93
CA VAL D 39 49.20 -0.20 -10.05
C VAL D 39 48.17 -0.97 -9.29
N GLY D 40 48.06 -2.26 -9.57
CA GLY D 40 47.03 -3.11 -8.87
C GLY D 40 45.85 -3.15 -9.83
N VAL D 41 45.94 -4.08 -10.78
CA VAL D 41 44.94 -4.18 -11.76
C VAL D 41 43.85 -5.10 -11.31
N GLY D 42 42.99 -4.60 -10.44
CA GLY D 42 41.88 -5.38 -9.93
C GLY D 42 40.59 -4.66 -10.15
N PHE D 43 39.70 -4.73 -9.17
CA PHE D 43 38.36 -4.19 -9.34
C PHE D 43 38.41 -2.66 -9.53
N MET D 44 39.06 -1.95 -8.59
CA MET D 44 39.17 -0.49 -8.64
C MET D 44 40.18 -0.02 -9.70
N GLY D 45 41.31 -0.71 -9.84
CA GLY D 45 42.21 -0.32 -10.91
C GLY D 45 41.59 -0.50 -12.33
N GLY D 46 40.94 -1.65 -12.57
CA GLY D 46 40.26 -1.84 -13.83
C GLY D 46 39.09 -0.88 -14.02
N SER D 47 38.32 -0.63 -12.97
CA SER D 47 37.21 0.32 -13.10
C SER D 47 37.76 1.70 -13.44
N PHE D 48 38.81 2.12 -12.78
CA PHE D 48 39.39 3.40 -13.11
C PHE D 48 39.86 3.46 -14.58
N ALA D 49 40.59 2.43 -15.02
CA ALA D 49 41.04 2.29 -16.41
C ALA D 49 39.88 2.31 -17.39
N LYS D 50 38.80 1.60 -17.07
CA LYS D 50 37.66 1.55 -18.01
C LYS D 50 36.98 2.93 -18.09
N SER D 51 36.79 3.55 -16.95
CA SER D 51 36.16 4.90 -16.87
C SER D 51 36.95 5.93 -17.63
N LEU D 52 38.24 5.95 -17.39
CA LEU D 52 39.15 6.77 -18.19
C LEU D 52 38.97 6.63 -19.72
N ARG D 53 39.17 5.43 -20.23
CA ARG D 53 38.93 5.15 -21.64
C ARG D 53 37.54 5.57 -22.05
N ARG D 54 36.55 5.31 -21.21
CA ARG D 54 35.17 5.61 -21.55
C ARG D 54 34.96 7.12 -21.62
N SER D 55 35.74 7.88 -20.86
CA SER D 55 35.56 9.30 -20.79
C SER D 55 36.25 10.02 -21.96
N GLY D 56 36.93 9.27 -22.81
CA GLY D 56 37.51 9.89 -24.01
C GLY D 56 39.04 9.90 -24.03
N PHE D 57 39.67 9.47 -22.94
CA PHE D 57 41.12 9.45 -22.83
C PHE D 57 41.71 8.61 -23.97
N LYS D 58 42.64 9.19 -24.72
CA LYS D 58 43.21 8.59 -25.91
C LYS D 58 44.64 8.16 -25.71
N GLY D 59 45.22 8.43 -24.55
CA GLY D 59 46.60 7.99 -24.32
C GLY D 59 46.73 6.47 -24.01
N LYS D 60 47.89 6.09 -23.53
CA LYS D 60 48.23 4.70 -23.17
C LYS D 60 47.86 4.41 -21.74
N ILE D 61 47.31 3.23 -21.49
CA ILE D 61 46.98 2.81 -20.15
C ILE D 61 47.74 1.55 -19.87
N TYR D 62 48.68 1.61 -18.91
CA TYR D 62 49.53 0.49 -18.57
C TYR D 62 49.17 -0.05 -17.21
N GLY D 63 49.62 -1.28 -16.96
CA GLY D 63 49.22 -2.03 -15.77
C GLY D 63 50.43 -2.53 -15.06
N TYR D 64 50.45 -2.41 -13.74
CA TYR D 64 51.42 -3.12 -12.99
C TYR D 64 50.70 -3.95 -11.89
N ASP D 65 51.06 -5.25 -11.75
CA ASP D 65 50.44 -6.08 -10.73
C ASP D 65 51.39 -7.22 -10.34
N ILE D 66 51.23 -7.80 -9.15
CA ILE D 66 52.06 -8.99 -8.84
C ILE D 66 51.40 -10.26 -9.39
N ASN D 67 50.18 -10.15 -9.88
CA ASN D 67 49.52 -11.30 -10.33
C ASN D 67 49.48 -11.28 -11.85
N PRO D 68 50.09 -12.28 -12.45
CA PRO D 68 50.21 -12.20 -13.89
C PRO D 68 48.89 -12.44 -14.58
N GLU D 69 47.99 -13.20 -13.94
CA GLU D 69 46.65 -13.37 -14.47
C GLU D 69 45.85 -12.05 -14.47
N SER D 70 46.09 -11.16 -13.52
CA SER D 70 45.39 -9.82 -13.59
C SER D 70 45.81 -9.02 -14.80
N ILE D 71 47.12 -9.03 -15.11
CA ILE D 71 47.66 -8.37 -16.30
C ILE D 71 47.09 -9.02 -17.58
N SER D 72 47.18 -10.33 -17.73
CA SER D 72 46.78 -10.90 -19.01
C SER D 72 45.25 -10.86 -19.21
N LYS D 73 44.48 -11.00 -18.14
CA LYS D 73 43.05 -10.73 -18.22
C LYS D 73 42.71 -9.33 -18.73
N ALA D 74 43.36 -8.34 -18.13
CA ALA D 74 43.11 -6.94 -18.45
C ALA D 74 43.57 -6.61 -19.87
N VAL D 75 44.68 -7.23 -20.27
CA VAL D 75 45.20 -7.10 -21.63
C VAL D 75 44.20 -7.76 -22.59
N ASP D 76 43.76 -8.98 -22.29
CA ASP D 76 42.75 -9.69 -23.12
C ASP D 76 41.41 -8.95 -23.19
N LEU D 77 40.99 -8.37 -22.08
CA LEU D 77 39.76 -7.61 -22.06
C LEU D 77 39.88 -6.23 -22.68
N GLY D 78 41.10 -5.80 -23.01
CA GLY D 78 41.34 -4.43 -23.56
C GLY D 78 41.22 -3.30 -22.56
N ILE D 79 41.40 -3.59 -21.29
CA ILE D 79 41.30 -2.58 -20.22
C ILE D 79 42.61 -1.80 -20.07
N ILE D 80 43.72 -2.49 -20.28
CA ILE D 80 45.02 -1.87 -20.41
C ILE D 80 45.63 -2.25 -21.77
N ASP D 81 46.56 -1.42 -22.29
CA ASP D 81 47.24 -1.70 -23.55
C ASP D 81 48.31 -2.79 -23.43
N GLU D 82 48.92 -2.82 -22.23
CA GLU D 82 50.10 -3.59 -21.92
C GLU D 82 50.28 -3.49 -20.41
N GLY D 83 50.85 -4.55 -19.83
CA GLY D 83 51.19 -4.51 -18.42
C GLY D 83 52.35 -5.42 -18.13
N THR D 84 52.72 -5.48 -16.85
CA THR D 84 53.91 -6.25 -16.47
C THR D 84 53.68 -6.61 -15.00
N THR D 85 54.40 -7.63 -14.57
CA THR D 85 54.50 -8.05 -13.18
C THR D 85 55.91 -7.72 -12.64
N SER D 86 56.74 -7.02 -13.43
CA SER D 86 58.06 -6.59 -12.97
C SER D 86 58.22 -5.09 -12.82
N ILE D 87 58.57 -4.56 -11.64
CA ILE D 87 58.45 -3.09 -11.49
C ILE D 87 59.44 -2.31 -12.36
N ALA D 88 60.60 -2.89 -12.53
CA ALA D 88 61.63 -2.31 -13.36
C ALA D 88 61.10 -2.08 -14.76
N LYS D 89 60.34 -3.03 -15.29
CA LYS D 89 59.72 -2.84 -16.59
C LYS D 89 58.91 -1.54 -16.68
N VAL D 90 58.32 -1.10 -15.56
CA VAL D 90 57.46 0.10 -15.57
C VAL D 90 58.14 1.29 -16.25
N GLU D 91 59.45 1.34 -16.11
CA GLU D 91 60.31 2.41 -16.61
C GLU D 91 60.17 2.57 -18.12
N ASP D 92 60.02 1.46 -18.81
CA ASP D 92 59.81 1.48 -20.22
C ASP D 92 58.45 2.04 -20.64
N PHE D 93 57.47 2.08 -19.71
CA PHE D 93 56.18 2.71 -20.01
C PHE D 93 56.16 4.24 -19.78
N SER D 94 57.29 4.80 -19.32
CA SER D 94 57.39 6.17 -18.78
C SER D 94 56.03 6.81 -18.36
N PRO D 95 55.44 6.32 -17.27
CA PRO D 95 54.15 6.86 -16.88
C PRO D 95 54.29 8.32 -16.42
N ASP D 96 53.33 9.16 -16.78
CA ASP D 96 53.30 10.49 -16.19
C ASP D 96 52.19 10.66 -15.17
N PHE D 97 51.35 9.65 -15.00
CA PHE D 97 50.21 9.73 -14.08
C PHE D 97 50.03 8.30 -13.59
N VAL D 98 50.14 8.09 -12.29
CA VAL D 98 49.98 6.81 -11.72
C VAL D 98 48.79 6.75 -10.76
N MET D 99 48.01 5.65 -10.81
CA MET D 99 46.86 5.45 -9.88
C MET D 99 47.06 4.23 -9.04
N LEU D 100 47.53 4.41 -7.80
CA LEU D 100 47.80 3.30 -6.91
C LEU D 100 46.47 2.64 -6.56
N SER D 101 46.29 1.37 -6.93
CA SER D 101 44.97 0.73 -6.74
C SER D 101 45.13 -0.68 -6.15
N SER D 102 46.19 -0.84 -5.37
CA SER D 102 46.48 -2.14 -4.77
C SER D 102 46.09 -2.01 -3.29
N PRO D 103 46.28 -3.07 -2.48
CA PRO D 103 45.92 -2.99 -1.05
C PRO D 103 46.73 -1.89 -0.39
N VAL D 104 46.16 -1.17 0.57
CA VAL D 104 46.88 0.04 0.97
C VAL D 104 48.24 -0.22 1.62
N ARG D 105 48.43 -1.38 2.22
CA ARG D 105 49.75 -1.54 2.84
C ARG D 105 50.88 -1.80 1.87
N THR D 106 50.55 -1.87 0.59
CA THR D 106 51.53 -2.08 -0.46
C THR D 106 52.07 -0.78 -0.98
N PHE D 107 51.43 0.34 -0.63
CA PHE D 107 51.77 1.58 -1.25
C PHE D 107 53.21 2.07 -1.02
N ARG D 108 53.68 2.01 0.23
CA ARG D 108 55.01 2.54 0.62
C ARG D 108 56.18 1.92 -0.18
N GLU D 109 56.29 0.60 -0.13
CA GLU D 109 57.35 -0.12 -0.87
C GLU D 109 57.23 0.12 -2.39
N ILE D 110 56.00 0.14 -2.92
CA ILE D 110 55.86 0.46 -4.33
C ILE D 110 56.33 1.90 -4.66
N ALA D 111 55.95 2.84 -3.81
CA ALA D 111 56.32 4.24 -3.99
C ALA D 111 57.84 4.41 -4.02
N LYS D 112 58.52 3.71 -3.15
CA LYS D 112 59.95 3.75 -3.09
C LYS D 112 60.56 3.29 -4.41
N LYS D 113 60.08 2.20 -4.98
CA LYS D 113 60.50 1.85 -6.35
C LYS D 113 60.18 3.00 -7.33
N LEU D 114 58.98 3.55 -7.21
CA LEU D 114 58.48 4.49 -8.15
C LEU D 114 59.25 5.80 -8.05
N SER D 115 59.87 6.03 -6.89
CA SER D 115 60.56 7.28 -6.68
C SER D 115 61.77 7.48 -7.60
N TYR D 116 62.45 6.39 -8.01
CA TYR D 116 63.57 6.49 -8.96
C TYR D 116 63.13 6.31 -10.43
N ILE D 117 62.04 5.59 -10.63
CA ILE D 117 61.67 5.17 -11.94
C ILE D 117 60.84 6.29 -12.66
N LEU D 118 60.09 7.07 -11.90
CA LEU D 118 59.19 8.08 -12.44
C LEU D 118 59.90 9.40 -12.61
N SER D 119 59.57 10.13 -13.69
CA SER D 119 60.08 11.48 -13.91
C SER D 119 59.63 12.35 -12.77
N GLU D 120 60.40 13.38 -12.48
CA GLU D 120 60.04 14.44 -11.51
C GLU D 120 58.70 15.14 -11.84
N ASP D 121 58.30 15.11 -13.12
CA ASP D 121 57.09 15.77 -13.60
C ASP D 121 55.81 14.90 -13.51
N ALA D 122 55.97 13.58 -13.28
CA ALA D 122 54.86 12.62 -13.10
C ALA D 122 54.00 13.00 -11.92
N THR D 123 52.79 12.45 -11.88
CA THR D 123 51.94 12.64 -10.74
C THR D 123 51.51 11.28 -10.28
N VAL D 124 51.51 11.08 -8.96
CA VAL D 124 50.92 9.92 -8.40
C VAL D 124 49.84 10.21 -7.39
N THR D 125 48.77 9.42 -7.51
CA THR D 125 47.66 9.56 -6.63
C THR D 125 47.15 8.14 -6.37
N ASP D 126 46.03 8.00 -5.67
CA ASP D 126 45.69 6.67 -5.21
C ASP D 126 44.19 6.58 -5.00
N GLN D 127 43.71 5.35 -4.72
CA GLN D 127 42.25 5.12 -4.48
C GLN D 127 42.14 4.46 -3.14
N GLY D 128 43.24 4.45 -2.37
CA GLY D 128 43.27 3.71 -1.08
C GLY D 128 42.26 4.23 -0.09
N SER D 129 41.69 3.28 0.65
CA SER D 129 40.60 3.53 1.57
C SER D 129 41.05 4.17 2.90
N VAL D 130 42.36 4.37 3.04
CA VAL D 130 42.89 5.01 4.26
C VAL D 130 43.81 6.11 3.79
N LYS D 131 43.84 7.18 4.55
CA LYS D 131 44.66 8.35 4.22
C LYS D 131 45.61 8.56 5.41
N GLY D 132 45.30 9.46 6.34
CA GLY D 132 46.08 9.61 7.56
C GLY D 132 47.59 9.69 7.35
N LYS D 133 48.32 8.98 8.18
CA LYS D 133 49.78 8.98 8.15
C LYS D 133 50.30 8.56 6.76
N LEU D 134 49.53 7.76 6.05
CA LEU D 134 50.03 7.15 4.82
C LEU D 134 50.28 8.25 3.80
N VAL D 135 49.46 9.32 3.87
CA VAL D 135 49.60 10.46 2.92
C VAL D 135 50.89 11.20 3.14
N TYR D 136 51.27 11.42 4.39
CA TYR D 136 52.52 12.14 4.65
C TYR D 136 53.71 11.25 4.34
N ASP D 137 53.59 9.96 4.61
CA ASP D 137 54.63 9.01 4.21
C ASP D 137 54.88 9.01 2.70
N LEU D 138 53.79 9.06 1.90
CA LEU D 138 53.91 9.05 0.43
C LEU D 138 54.48 10.36 -0.15
N GLU D 139 54.14 11.50 0.48
CA GLU D 139 54.77 12.76 0.12
C GLU D 139 56.26 12.72 0.35
N ASN D 140 56.68 12.05 1.45
CA ASN D 140 58.03 12.04 1.87
C ASN D 140 58.84 11.20 0.93
N ILE D 141 58.24 10.15 0.38
CA ILE D 141 58.92 9.21 -0.50
C ILE D 141 58.96 9.75 -1.95
N LEU D 142 57.80 10.31 -2.35
CA LEU D 142 57.53 10.68 -3.72
C LEU D 142 57.70 12.16 -3.96
N GLY D 143 57.78 12.94 -2.87
CA GLY D 143 57.93 14.40 -2.98
C GLY D 143 56.70 15.07 -3.57
N LYS D 144 56.89 16.13 -4.33
CA LYS D 144 55.80 16.92 -4.89
C LYS D 144 54.82 16.14 -5.79
N ARG D 145 55.17 14.88 -6.13
CA ARG D 145 54.44 14.14 -7.12
C ARG D 145 53.14 13.58 -6.61
N PHE D 146 52.99 13.44 -5.29
CA PHE D 146 51.90 12.64 -4.76
C PHE D 146 50.68 13.47 -4.33
N VAL D 147 49.49 13.00 -4.70
CA VAL D 147 48.21 13.54 -4.20
C VAL D 147 47.38 12.40 -3.57
N GLY D 148 46.99 12.53 -2.32
CA GLY D 148 46.06 11.59 -1.70
C GLY D 148 44.60 11.68 -2.19
N GLY D 149 44.04 10.50 -2.48
CA GLY D 149 42.70 10.32 -3.00
C GLY D 149 41.95 9.10 -2.49
N HIS D 150 40.62 9.16 -2.53
CA HIS D 150 39.87 7.97 -2.15
C HIS D 150 38.46 8.10 -2.76
N PRO D 151 38.11 7.22 -3.74
CA PRO D 151 36.72 7.27 -4.29
C PRO D 151 35.77 6.55 -3.35
N ILE D 152 34.63 7.18 -2.99
CA ILE D 152 33.66 6.52 -2.12
C ILE D 152 32.69 5.70 -2.99
N ALA D 153 33.17 4.57 -3.51
CA ALA D 153 32.49 3.81 -4.54
C ALA D 153 33.00 2.38 -4.60
N GLY D 154 32.17 1.44 -4.93
CA GLY D 154 32.67 0.12 -5.22
C GLY D 154 31.65 -0.83 -4.64
N THR D 155 32.04 -2.09 -4.51
CA THR D 155 31.16 -3.21 -4.31
C THR D 155 31.95 -4.19 -3.46
N GLU D 156 31.32 -5.32 -3.17
CA GLU D 156 31.97 -6.35 -2.41
C GLU D 156 32.78 -7.28 -3.37
N LYS D 157 32.75 -6.99 -4.68
CA LYS D 157 33.43 -7.82 -5.67
C LYS D 157 34.88 -7.43 -5.80
N SER D 158 35.69 -8.40 -6.16
CA SER D 158 37.15 -8.26 -6.40
C SER D 158 37.57 -8.82 -7.77
N GLY D 159 38.71 -8.31 -8.27
CA GLY D 159 39.34 -8.82 -9.45
C GLY D 159 38.93 -7.95 -10.64
N VAL D 160 39.82 -7.88 -11.62
CA VAL D 160 39.58 -7.07 -12.78
C VAL D 160 38.34 -7.50 -13.56
N GLU D 161 37.96 -8.78 -13.49
CA GLU D 161 36.82 -9.29 -14.25
C GLU D 161 35.53 -8.62 -13.87
N TYR D 162 35.45 -8.14 -12.62
CA TYR D 162 34.20 -7.52 -12.14
C TYR D 162 34.30 -5.99 -12.25
N SER D 163 35.36 -5.46 -12.83
CA SER D 163 35.47 -4.02 -12.91
C SER D 163 34.34 -3.41 -13.79
N LEU D 164 33.94 -2.16 -13.52
CA LEU D 164 32.74 -1.59 -14.14
C LEU D 164 33.15 -0.35 -14.91
N ASP D 165 32.47 0.03 -15.98
CA ASP D 165 32.99 1.22 -16.65
C ASP D 165 32.36 2.54 -16.23
N ASN D 166 31.46 2.50 -15.25
CA ASN D 166 30.82 3.66 -14.75
C ASN D 166 30.77 3.63 -13.21
N LEU D 167 31.74 2.97 -12.57
CA LEU D 167 31.69 2.85 -11.11
C LEU D 167 31.58 4.18 -10.34
N TYR D 168 32.16 5.28 -10.87
CA TYR D 168 32.38 6.52 -10.09
C TYR D 168 31.31 7.56 -10.34
N GLU D 169 30.49 7.31 -11.32
CA GLU D 169 29.57 8.28 -11.82
C GLU D 169 28.61 8.67 -10.71
N GLY D 170 28.61 9.95 -10.32
CA GLY D 170 27.73 10.43 -9.23
C GLY D 170 28.28 10.13 -7.81
N LYS D 171 29.47 9.56 -7.69
CA LYS D 171 30.06 9.15 -6.37
C LYS D 171 31.00 10.20 -5.77
N LYS D 172 31.01 10.35 -4.48
CA LYS D 172 31.96 11.28 -3.84
C LYS D 172 33.36 10.72 -4.04
N VAL D 173 34.31 11.63 -4.24
CA VAL D 173 35.71 11.34 -4.22
C VAL D 173 36.40 12.26 -3.22
N ILE D 174 37.08 11.71 -2.23
CA ILE D 174 37.76 12.58 -1.26
C ILE D 174 39.24 12.79 -1.59
N LEU D 175 39.64 14.03 -1.79
CA LEU D 175 41.04 14.27 -1.95
C LEU D 175 41.58 14.84 -0.67
N THR D 176 42.85 14.56 -0.38
CA THR D 176 43.41 15.00 0.91
C THR D 176 44.71 15.82 0.77
N PRO D 177 44.64 17.02 0.16
CA PRO D 177 45.77 17.91 0.07
C PRO D 177 46.29 18.36 1.46
N THR D 178 47.57 18.67 1.54
CA THR D 178 48.23 19.20 2.74
C THR D 178 48.99 20.46 2.34
N LYS D 179 49.60 21.15 3.28
CA LYS D 179 50.49 22.23 2.93
C LYS D 179 51.45 21.88 1.82
N LYS D 180 51.96 20.65 1.83
CA LYS D 180 52.99 20.23 0.87
C LYS D 180 52.44 19.95 -0.52
N THR D 181 51.13 19.77 -0.63
CA THR D 181 50.52 19.35 -1.90
C THR D 181 50.79 20.36 -3.01
N ASP D 182 51.10 19.81 -4.17
CA ASP D 182 51.42 20.61 -5.31
C ASP D 182 50.09 21.02 -5.86
N LYS D 183 49.90 22.32 -6.03
CA LYS D 183 48.58 22.83 -6.38
C LYS D 183 48.14 22.49 -7.80
N LYS D 184 49.09 22.42 -8.72
CA LYS D 184 48.78 22.03 -10.11
C LYS D 184 48.37 20.56 -10.18
N ARG D 185 49.00 19.72 -9.38
CA ARG D 185 48.69 18.33 -9.45
C ARG D 185 47.30 18.03 -8.85
N LEU D 186 46.96 18.76 -7.78
CA LEU D 186 45.67 18.62 -7.15
C LEU D 186 44.56 18.93 -8.14
N LYS D 187 44.75 20.02 -8.90
CA LYS D 187 43.89 20.37 -10.02
C LYS D 187 43.78 19.28 -11.08
N LEU D 188 44.90 18.76 -11.55
CA LEU D 188 44.87 17.63 -12.47
C LEU D 188 44.02 16.45 -11.94
N VAL D 189 44.28 16.06 -10.69
CA VAL D 189 43.64 14.90 -10.12
C VAL D 189 42.11 15.14 -9.90
N LYS D 190 41.77 16.31 -9.41
CA LYS D 190 40.37 16.70 -9.28
C LYS D 190 39.62 16.58 -10.63
N ARG D 191 40.24 17.17 -11.64
CA ARG D 191 39.72 17.17 -13.02
C ARG D 191 39.58 15.75 -13.55
N VAL D 192 40.58 14.92 -13.32
CA VAL D 192 40.50 13.56 -13.79
C VAL D 192 39.35 12.79 -13.12
N TRP D 193 39.15 12.98 -11.82
CA TRP D 193 37.96 12.38 -11.20
C TRP D 193 36.58 12.93 -11.68
N GLU D 194 36.56 14.20 -12.08
CA GLU D 194 35.31 14.80 -12.62
C GLU D 194 35.01 14.23 -14.00
N ASP D 195 36.04 14.13 -14.83
CA ASP D 195 35.93 13.42 -16.11
C ASP D 195 35.34 12.02 -16.03
N VAL D 196 35.62 11.23 -14.98
CA VAL D 196 34.99 9.92 -14.83
C VAL D 196 33.72 9.97 -13.98
N GLY D 197 33.27 11.20 -13.69
CA GLY D 197 31.93 11.47 -13.14
C GLY D 197 31.89 11.58 -11.61
N GLY D 198 33.05 11.51 -10.93
CA GLY D 198 33.21 11.72 -9.48
C GLY D 198 32.86 13.14 -9.03
N VAL D 199 32.53 13.28 -7.74
CA VAL D 199 32.10 14.59 -7.26
C VAL D 199 33.12 14.88 -6.16
N VAL D 200 34.03 15.84 -6.38
CA VAL D 200 35.24 15.92 -5.52
C VAL D 200 35.01 16.80 -4.27
N GLU D 201 35.52 16.40 -3.12
CA GLU D 201 35.59 17.34 -1.98
C GLU D 201 36.91 17.09 -1.24
N TYR D 202 37.32 17.98 -0.31
CA TYR D 202 38.60 17.89 0.33
C TYR D 202 38.41 17.62 1.80
N MET D 203 39.30 16.81 2.35
CA MET D 203 39.37 16.62 3.81
C MET D 203 40.84 16.47 4.16
N SER D 204 41.23 16.87 5.37
CA SER D 204 42.60 16.60 5.85
C SER D 204 42.83 15.09 5.90
N PRO D 205 44.08 14.65 5.72
CA PRO D 205 44.26 13.20 5.90
C PRO D 205 43.70 12.61 7.19
N GLU D 206 43.77 13.34 8.30
CA GLU D 206 43.28 12.85 9.58
C GLU D 206 41.74 12.90 9.69
N LEU D 207 41.11 13.98 9.23
CA LEU D 207 39.67 14.04 9.24
C LEU D 207 39.08 12.90 8.42
N HIS D 208 39.62 12.68 7.22
CA HIS D 208 39.25 11.52 6.41
C HIS D 208 39.23 10.18 7.18
N ASP D 209 40.32 9.88 7.90
CA ASP D 209 40.45 8.57 8.55
C ASP D 209 39.46 8.47 9.71
N TYR D 210 39.13 9.63 10.28
CA TYR D 210 38.09 9.68 11.31
C TYR D 210 36.76 9.36 10.68
N VAL D 211 36.36 10.10 9.64
CA VAL D 211 35.03 9.96 9.06
C VAL D 211 34.82 8.54 8.53
N PHE D 212 35.78 8.03 7.78
CA PHE D 212 35.65 6.74 7.15
C PHE D 212 35.85 5.57 8.09
N GLY D 213 36.58 5.77 9.18
CA GLY D 213 36.69 4.73 10.19
C GLY D 213 35.36 4.43 10.83
N VAL D 214 34.57 5.48 11.02
CA VAL D 214 33.18 5.36 11.53
C VAL D 214 32.14 4.93 10.51
N VAL D 215 32.09 5.59 9.32
CA VAL D 215 30.94 5.35 8.42
C VAL D 215 31.23 4.24 7.44
N SER D 216 32.42 3.68 7.45
CA SER D 216 32.72 2.68 6.45
C SER D 216 33.48 1.50 7.09
N HIS D 217 34.57 1.81 7.78
CA HIS D 217 35.39 0.73 8.44
C HIS D 217 34.63 -0.01 9.51
N LEU D 218 33.99 0.73 10.41
CA LEU D 218 33.12 0.18 11.44
C LEU D 218 31.99 -0.73 10.88
N PRO D 219 31.14 -0.22 9.92
CA PRO D 219 30.12 -1.07 9.36
C PRO D 219 30.64 -2.38 8.77
N HIS D 220 31.83 -2.35 8.16
CA HIS D 220 32.39 -3.60 7.66
C HIS D 220 32.70 -4.52 8.75
N ALA D 221 33.39 -4.02 9.79
CA ALA D 221 33.69 -4.84 10.98
C ALA D 221 32.46 -5.48 11.52
N VAL D 222 31.45 -4.65 11.71
CA VAL D 222 30.19 -5.07 12.28
C VAL D 222 29.58 -6.18 11.43
N ALA D 223 29.64 -6.03 10.10
CA ALA D 223 29.06 -7.00 9.18
C ALA D 223 29.84 -8.33 9.25
N PHE D 224 31.17 -8.22 9.31
CA PHE D 224 32.01 -9.39 9.41
C PHE D 224 31.67 -10.22 10.64
N ALA D 225 31.59 -9.50 11.77
CA ALA D 225 31.39 -10.12 13.09
C ALA D 225 29.96 -10.72 13.23
N LEU D 226 29.03 -10.16 12.45
CA LEU D 226 27.69 -10.64 12.41
C LEU D 226 27.72 -11.99 11.73
N VAL D 227 28.41 -12.06 10.60
CA VAL D 227 28.50 -13.36 9.95
C VAL D 227 29.19 -14.31 10.88
N ASP D 228 30.21 -13.86 11.60
CA ASP D 228 30.99 -14.81 12.45
C ASP D 228 30.11 -15.24 13.60
N THR D 229 29.19 -14.38 14.00
CA THR D 229 28.27 -14.74 15.07
C THR D 229 27.46 -15.95 14.69
N LEU D 230 26.94 -16.01 13.45
CA LEU D 230 26.13 -17.20 13.16
C LEU D 230 26.95 -18.41 13.05
N ILE D 231 28.26 -18.28 12.88
CA ILE D 231 29.09 -19.48 12.89
C ILE D 231 29.12 -20.15 14.30
N HIS D 232 29.36 -19.33 15.32
CA HIS D 232 29.68 -19.98 16.62
C HIS D 232 28.39 -20.09 17.45
N MET D 233 27.29 -19.54 16.92
CA MET D 233 25.99 -19.74 17.55
C MET D 233 25.17 -20.84 16.89
N SER D 234 25.70 -21.40 15.81
CA SER D 234 25.16 -22.62 15.25
C SER D 234 25.60 -23.74 16.18
N THR D 235 24.92 -24.88 16.11
CA THR D 235 25.24 -25.97 17.03
C THR D 235 24.92 -27.25 16.30
N PRO D 236 25.26 -28.43 16.94
CA PRO D 236 24.81 -29.74 16.47
C PRO D 236 23.28 -29.82 16.33
N GLU D 237 22.55 -29.04 17.12
CA GLU D 237 21.10 -28.90 16.88
C GLU D 237 20.71 -28.06 15.59
N VAL D 238 21.38 -26.95 15.30
CA VAL D 238 20.87 -26.06 14.24
C VAL D 238 21.88 -25.21 13.50
N ASP D 239 21.75 -25.19 12.18
CA ASP D 239 22.64 -24.42 11.31
C ASP D 239 22.00 -23.05 11.00
N LEU D 240 22.48 -21.99 11.64
CA LEU D 240 21.77 -20.71 11.47
C LEU D 240 21.77 -20.19 10.02
N PHE D 241 22.77 -20.62 9.24
CA PHE D 241 22.89 -20.16 7.85
C PHE D 241 21.80 -20.68 6.97
N LYS D 242 21.01 -21.63 7.45
CA LYS D 242 19.81 -22.02 6.72
C LYS D 242 18.66 -20.99 6.78
N TYR D 243 18.74 -19.97 7.63
CA TYR D 243 17.49 -19.23 7.93
C TYR D 243 17.12 -17.80 7.44
N PRO D 244 18.09 -16.88 7.25
CA PRO D 244 17.94 -15.42 6.90
C PRO D 244 16.85 -14.93 5.91
N GLY D 245 16.05 -13.94 6.31
CA GLY D 245 15.13 -13.29 5.37
C GLY D 245 15.82 -12.24 4.47
N GLY D 246 16.94 -11.65 4.92
CA GLY D 246 17.31 -10.37 4.32
C GLY D 246 17.27 -9.26 5.37
N GLY D 247 17.01 -9.66 6.62
CA GLY D 247 17.66 -9.05 7.76
C GLY D 247 19.12 -9.43 7.50
N PHE D 248 19.46 -10.67 7.77
CA PHE D 248 20.85 -10.99 7.81
C PHE D 248 21.55 -10.71 6.45
N LYS D 249 20.87 -11.06 5.35
CA LYS D 249 21.45 -11.12 3.99
C LYS D 249 21.86 -9.76 3.54
N ASP D 250 20.90 -8.82 3.59
CA ASP D 250 21.12 -7.44 3.18
C ASP D 250 22.16 -6.68 4.02
N PHE D 251 22.03 -6.78 5.35
CA PHE D 251 23.00 -6.13 6.22
C PHE D 251 24.40 -6.67 6.00
N THR D 252 24.52 -7.79 5.28
CA THR D 252 25.77 -8.52 5.33
C THR D 252 26.50 -8.79 3.98
N ARG D 253 26.08 -8.10 2.95
CA ARG D 253 26.63 -8.25 1.61
C ARG D 253 28.11 -7.85 1.65
N ILE D 254 28.41 -6.84 2.44
CA ILE D 254 29.79 -6.31 2.38
C ILE D 254 30.75 -7.26 3.11
N ALA D 255 30.22 -8.26 3.76
CA ALA D 255 31.05 -9.31 4.40
C ALA D 255 31.63 -10.34 3.38
N LYS D 256 31.18 -10.26 2.13
CA LYS D 256 31.80 -10.98 1.00
C LYS D 256 33.01 -10.20 0.44
N SER D 257 33.40 -9.07 1.03
CA SER D 257 34.49 -8.20 0.53
C SER D 257 35.86 -8.88 0.70
N ASP D 258 36.90 -8.38 0.02
CA ASP D 258 38.21 -9.03 0.02
C ASP D 258 38.98 -8.99 1.36
N PRO D 259 39.31 -10.13 1.92
CA PRO D 259 40.00 -10.22 3.23
C PRO D 259 41.39 -9.48 3.27
N ILE D 260 42.15 -9.56 2.17
CA ILE D 260 43.42 -8.82 2.04
C ILE D 260 43.20 -7.29 2.06
N MET D 261 42.21 -6.81 1.31
CA MET D 261 41.93 -5.38 1.27
C MET D 261 41.52 -4.87 2.66
N TRP D 262 40.70 -5.67 3.36
CA TRP D 262 40.19 -5.34 4.72
C TRP D 262 41.18 -5.53 5.90
N ARG D 263 41.92 -6.60 5.93
CA ARG D 263 43.01 -6.69 6.92
C ARG D 263 43.91 -5.42 6.82
N ASP D 264 44.31 -5.03 5.60
CA ASP D 264 45.11 -3.83 5.40
C ASP D 264 44.39 -2.53 5.84
N ILE D 265 43.11 -2.35 5.48
CA ILE D 265 42.35 -1.19 6.02
C ILE D 265 42.31 -1.19 7.56
N PHE D 266 42.00 -2.33 8.19
CA PHE D 266 41.88 -2.36 9.63
C PHE D 266 43.21 -2.03 10.35
N LEU D 267 44.34 -2.48 9.79
CA LEU D 267 45.59 -2.32 10.50
C LEU D 267 46.13 -0.90 10.27
N GLU D 268 45.97 -0.39 9.03
CA GLU D 268 46.44 0.94 8.66
C GLU D 268 45.65 2.03 9.39
N ASN D 269 44.35 1.79 9.60
CA ASN D 269 43.46 2.79 10.24
C ASN D 269 43.10 2.33 11.63
N LYS D 270 44.08 1.66 12.29
CA LYS D 270 43.91 0.99 13.60
C LYS D 270 43.32 1.89 14.68
N GLU D 271 43.94 3.06 14.91
CA GLU D 271 43.51 3.97 16.00
C GLU D 271 42.04 4.39 15.76
N ASN D 272 41.69 4.84 14.55
CA ASN D 272 40.28 5.26 14.32
C ASN D 272 39.29 4.07 14.30
N VAL D 273 39.69 2.97 13.69
CA VAL D 273 38.84 1.80 13.74
C VAL D 273 38.55 1.44 15.19
N MET D 274 39.56 1.52 16.05
CA MET D 274 39.33 1.23 17.48
C MET D 274 38.37 2.22 18.12
N LYS D 275 38.62 3.52 18.00
CA LYS D 275 37.64 4.52 18.52
C LYS D 275 36.21 4.29 18.01
N ALA D 276 36.09 3.87 16.77
CA ALA D 276 34.76 3.71 16.16
C ALA D 276 34.04 2.49 16.79
N ILE D 277 34.73 1.35 16.83
CA ILE D 277 34.19 0.16 17.48
C ILE D 277 33.76 0.46 18.92
N GLU D 278 34.60 1.16 19.67
CA GLU D 278 34.22 1.51 21.02
C GLU D 278 33.06 2.51 21.11
N GLY D 279 32.96 3.42 20.14
CA GLY D 279 31.77 4.24 20.02
C GLY D 279 30.54 3.33 19.82
N PHE D 280 30.67 2.37 18.91
CA PHE D 280 29.60 1.39 18.64
C PHE D 280 29.17 0.59 19.88
N GLU D 281 30.15 0.07 20.59
CA GLU D 281 29.92 -0.69 21.79
C GLU D 281 29.16 0.14 22.78
N LYS D 282 29.41 1.45 22.79
CA LYS D 282 28.65 2.36 23.66
C LYS D 282 27.20 2.38 23.20
N SER D 283 26.97 2.56 21.90
CA SER D 283 25.60 2.62 21.43
C SER D 283 24.85 1.31 21.70
N LEU D 284 25.55 0.18 21.51
CA LEU D 284 24.97 -1.15 21.70
C LEU D 284 24.65 -1.46 23.16
N ASN D 285 25.53 -1.08 24.08
CA ASN D 285 25.29 -1.34 25.49
C ASN D 285 24.12 -0.55 25.95
N HIS D 286 24.05 0.70 25.49
CA HIS D 286 22.88 1.48 25.82
C HIS D 286 21.61 0.77 25.35
N LEU D 287 21.67 0.23 24.12
CA LEU D 287 20.50 -0.47 23.56
C LEU D 287 20.15 -1.66 24.44
N LYS D 288 21.13 -2.49 24.79
CA LYS D 288 20.82 -3.65 25.65
C LYS D 288 20.33 -3.26 27.03
N GLU D 289 20.82 -2.15 27.56
CA GLU D 289 20.31 -1.65 28.84
C GLU D 289 18.83 -1.33 28.68
N LEU D 290 18.43 -0.70 27.57
CA LEU D 290 16.98 -0.42 27.39
C LEU D 290 16.12 -1.69 27.30
N ILE D 291 16.70 -2.72 26.70
CA ILE D 291 16.04 -4.01 26.59
C ILE D 291 15.96 -4.67 27.99
N VAL D 292 17.08 -4.84 28.68
CA VAL D 292 17.06 -5.46 30.04
C VAL D 292 15.99 -4.85 30.95
N ARG D 293 15.99 -3.53 31.07
CA ARG D 293 15.12 -2.87 32.00
C ARG D 293 13.69 -2.78 31.51
N GLU D 294 13.46 -3.10 30.24
CA GLU D 294 12.14 -2.91 29.63
C GLU D 294 11.67 -1.47 29.69
N ALA D 295 12.58 -0.54 29.40
CA ALA D 295 12.28 0.88 29.36
C ALA D 295 11.54 1.22 28.07
N GLU D 296 10.25 0.91 28.07
CA GLU D 296 9.40 0.96 26.87
C GLU D 296 9.37 2.30 26.11
N GLU D 297 9.29 3.42 26.82
CA GLU D 297 9.26 4.72 26.18
C GLU D 297 10.61 5.03 25.56
N GLU D 298 11.67 4.79 26.33
CA GLU D 298 13.01 5.15 25.90
C GLU D 298 13.51 4.27 24.80
N LEU D 299 13.10 3.01 24.79
CA LEU D 299 13.54 2.10 23.73
C LEU D 299 12.95 2.57 22.39
N VAL D 300 11.67 2.89 22.36
CA VAL D 300 11.06 3.36 21.13
C VAL D 300 11.74 4.68 20.64
N GLU D 301 12.00 5.62 21.54
CA GLU D 301 12.75 6.81 21.13
C GLU D 301 14.16 6.53 20.53
N TYR D 302 14.89 5.58 21.14
CA TYR D 302 16.14 5.13 20.61
C TYR D 302 15.99 4.54 19.22
N LEU D 303 15.00 3.69 19.05
CA LEU D 303 14.73 3.09 17.73
C LEU D 303 14.26 4.12 16.72
N LYS D 304 13.55 5.15 17.21
CA LYS D 304 13.03 6.19 16.32
C LYS D 304 14.10 7.11 15.69
N GLU D 305 15.32 6.99 16.18
CA GLU D 305 16.51 7.60 15.59
C GLU D 305 16.75 7.25 14.10
N VAL D 306 16.39 6.03 13.68
CA VAL D 306 16.50 5.66 12.26
C VAL D 306 15.56 6.47 11.35
N LYS D 307 14.71 7.31 11.95
CA LYS D 307 13.91 8.18 11.20
C LYS D 307 14.78 9.39 11.21
N ILE D 308 14.17 10.58 11.19
CA ILE D 308 14.88 11.81 11.55
C ILE D 308 16.42 11.73 11.30
#